data_9MEB
#
_entry.id   9MEB
#
_cell.length_a   83.690
_cell.length_b   83.400
_cell.length_c   86.870
_cell.angle_alpha   90.000
_cell.angle_beta   107.630
_cell.angle_gamma   90.000
#
_symmetry.space_group_name_H-M   'P 1 21 1'
#
loop_
_entity.id
_entity.type
_entity.pdbx_description
1 polymer 'Photoreceptor-histidine kinase BphP'
2 non-polymer 'BILIVERDINE IX ALPHA'
3 non-polymer BENZAMIDINE
4 water water
#
_entity_poly.entity_id   1
_entity_poly.type   'polypeptide(L)'
_entity_poly.pdbx_seq_one_letter_code
;DLSQCDREPIHLLGGIQSHGVLLAFRGPDRLLEVVSANAQALLGRPPETLLGQPVGRVLPAEVLAQWEPLVARGSVRVVL
PAGAYRALLHESDGLTVLELEPAELQPGMEETALEVVRRLVSPLAGVKGTQALLQTAADTVRALTGFDRVMVYRFDADWH
GEVLAESKRGGMDGFLGMHFPATDIPVQARALYTRNPLRLIADARARPVPLLPPVVPALGRPLDLSNSALRSVSPVHLEY
LRNMGVGASFSLSLLKEGVLWGLIACHHLEPLHISHERRRACEVLTQLLALQLSAEERAAEASEDAHRAALLGQLATAMG
EGGTLEEVLEKESERVLALTGAAGVALLLGEEPLLVGCTPAQDEVEALVAWLATQPFQTSFHTDRLGTVYPPLAARADVA
AGILAVRLAPAAARFAIWFRPEVARTISWAGNPRKPAEPEPGHQRLHPRGSFQAWEETVRDTSLPWKRADLGAAEGFRGA
LV
;
_entity_poly.pdbx_strand_id   A,B
#
loop_
_chem_comp.id
_chem_comp.type
_chem_comp.name
_chem_comp.formula
BEN non-polymer BENZAMIDINE 'C7 H8 N2'
BLA non-polymer 'BILIVERDINE IX ALPHA' 'C33 H34 N4 O6'
#
# COMPACT_ATOMS: atom_id res chain seq x y z
N ASP A 1 -1.72 -6.76 -35.58
CA ASP A 1 -2.52 -5.55 -35.48
C ASP A 1 -2.22 -4.61 -36.64
N LEU A 2 -1.84 -3.37 -36.30
CA LEU A 2 -1.59 -2.33 -37.30
C LEU A 2 -0.56 -2.76 -38.34
N SER A 3 0.52 -3.41 -37.90
CA SER A 3 1.65 -3.68 -38.76
C SER A 3 1.92 -5.18 -38.91
N GLN A 4 3.18 -5.48 -39.21
CA GLN A 4 3.76 -6.77 -38.86
C GLN A 4 4.46 -6.71 -37.50
N CYS A 5 4.74 -5.50 -37.00
CA CYS A 5 5.07 -5.29 -35.60
CA CYS A 5 5.07 -5.29 -35.60
C CYS A 5 4.35 -6.31 -34.73
N ASP A 6 3.05 -6.09 -34.57
CA ASP A 6 2.21 -6.86 -33.68
C ASP A 6 1.95 -8.29 -34.15
N ARG A 7 2.83 -8.82 -35.00
CA ARG A 7 2.71 -10.19 -35.50
C ARG A 7 3.84 -11.09 -35.05
N GLU A 8 5.09 -10.61 -35.12
CA GLU A 8 6.29 -11.45 -34.94
C GLU A 8 6.22 -12.11 -33.57
N PRO A 9 5.85 -13.39 -33.47
CA PRO A 9 5.82 -14.00 -32.14
C PRO A 9 7.24 -13.99 -31.61
N ILE A 10 7.40 -13.31 -30.46
CA ILE A 10 8.72 -13.08 -29.90
C ILE A 10 9.16 -14.19 -28.97
N HIS A 11 8.24 -15.08 -28.58
CA HIS A 11 8.56 -16.19 -27.70
C HIS A 11 8.99 -17.43 -28.46
N LEU A 12 8.85 -17.43 -29.79
CA LEU A 12 9.12 -18.58 -30.65
C LEU A 12 10.27 -18.29 -31.62
N LEU A 13 11.35 -17.68 -31.13
CA LEU A 13 12.43 -17.30 -32.01
C LEU A 13 13.59 -18.29 -32.00
N GLY A 14 13.53 -19.30 -31.13
CA GLY A 14 14.57 -20.29 -31.01
C GLY A 14 15.95 -19.74 -30.73
N GLY A 15 16.07 -18.84 -29.76
CA GLY A 15 17.36 -18.24 -29.50
C GLY A 15 17.55 -17.82 -28.06
N ILE A 16 18.60 -18.33 -27.43
CA ILE A 16 18.91 -17.98 -26.05
C ILE A 16 20.03 -16.94 -26.04
N GLN A 17 20.27 -16.35 -24.88
CA GLN A 17 21.31 -15.35 -24.77
C GLN A 17 22.59 -16.00 -24.26
N SER A 18 23.71 -15.58 -24.86
CA SER A 18 24.99 -16.28 -24.77
C SER A 18 25.55 -16.38 -23.36
N HIS A 19 24.90 -15.77 -22.35
CA HIS A 19 25.44 -15.88 -20.98
C HIS A 19 24.96 -17.11 -20.24
N GLY A 20 23.95 -17.82 -20.73
CA GLY A 20 23.54 -19.06 -20.12
C GLY A 20 23.53 -20.24 -21.08
N VAL A 21 22.98 -21.37 -20.62
CA VAL A 21 22.81 -22.56 -21.43
C VAL A 21 21.43 -23.15 -21.14
N LEU A 22 20.79 -23.71 -22.18
CA LEU A 22 19.45 -24.27 -22.08
C LEU A 22 19.46 -25.74 -22.42
N LEU A 23 18.86 -26.54 -21.54
CA LEU A 23 18.67 -27.97 -21.76
C LEU A 23 17.20 -28.31 -21.57
N ALA A 24 16.68 -29.14 -22.48
CA ALA A 24 15.26 -29.48 -22.51
C ALA A 24 15.15 -30.99 -22.49
N PHE A 25 14.40 -31.52 -21.53
CA PHE A 25 14.25 -32.95 -21.33
C PHE A 25 12.78 -33.34 -21.39
N ARG A 26 12.54 -34.62 -21.50
CA ARG A 26 11.18 -35.08 -21.69
C ARG A 26 11.09 -36.54 -21.28
N GLY A 27 9.89 -36.95 -20.91
CA GLY A 27 9.62 -38.33 -20.61
C GLY A 27 10.04 -38.67 -19.21
N PRO A 28 9.94 -39.96 -18.88
CA PRO A 28 10.29 -40.47 -17.54
C PRO A 28 11.69 -41.05 -17.42
N ASP A 29 12.44 -41.12 -18.52
CA ASP A 29 13.88 -41.29 -18.49
C ASP A 29 14.59 -40.01 -18.87
N ARG A 30 13.87 -38.90 -18.94
CA ARG A 30 14.47 -37.57 -19.05
C ARG A 30 15.53 -37.54 -20.14
N LEU A 31 15.15 -38.00 -21.33
CA LEU A 31 16.07 -37.90 -22.44
C LEU A 31 16.21 -36.44 -22.88
N LEU A 32 17.27 -36.16 -23.61
CA LEU A 32 17.57 -34.77 -24.00
C LEU A 32 16.98 -34.50 -25.37
N GLU A 33 16.23 -33.42 -25.48
CA GLU A 33 15.50 -33.18 -26.71
C GLU A 33 15.90 -31.87 -27.38
N VAL A 34 16.14 -30.80 -26.61
CA VAL A 34 16.73 -29.60 -27.17
C VAL A 34 17.83 -29.09 -26.26
N VAL A 35 18.87 -28.53 -26.87
CA VAL A 35 19.98 -28.00 -26.11
C VAL A 35 20.52 -26.79 -26.86
N SER A 36 20.91 -25.76 -26.10
CA SER A 36 21.47 -24.55 -26.68
C SER A 36 22.83 -24.80 -27.31
N ALA A 37 23.16 -23.96 -28.31
CA ALA A 37 24.33 -24.20 -29.15
C ALA A 37 25.64 -24.11 -28.39
N ASN A 38 25.69 -23.34 -27.30
CA ASN A 38 26.91 -23.20 -26.51
C ASN A 38 26.99 -24.18 -25.34
N ALA A 39 26.34 -25.35 -25.45
CA ALA A 39 26.37 -26.29 -24.34
C ALA A 39 27.79 -26.48 -23.84
N GLN A 40 28.68 -26.88 -24.74
CA GLN A 40 30.03 -27.33 -24.38
C GLN A 40 30.81 -26.27 -23.63
N ALA A 41 30.38 -25.01 -23.69
CA ALA A 41 30.98 -24.00 -22.82
C ALA A 41 30.89 -24.43 -21.36
N LEU A 42 29.82 -25.13 -20.99
CA LEU A 42 29.64 -25.59 -19.64
C LEU A 42 29.75 -27.10 -19.48
N LEU A 43 29.64 -27.87 -20.57
CA LEU A 43 29.46 -29.31 -20.46
C LEU A 43 30.70 -30.13 -20.78
N GLY A 44 31.44 -29.75 -21.80
CA GLY A 44 32.57 -30.54 -22.26
C GLY A 44 32.26 -31.49 -23.39
N ARG A 45 31.06 -31.45 -23.95
CA ARG A 45 30.65 -32.38 -24.98
C ARG A 45 29.89 -31.63 -26.07
N PRO A 46 30.00 -32.07 -27.32
CA PRO A 46 29.22 -31.43 -28.39
C PRO A 46 27.74 -31.60 -28.13
N PRO A 47 26.95 -30.53 -28.16
CA PRO A 47 25.51 -30.69 -28.03
C PRO A 47 25.01 -31.84 -28.88
N GLU A 48 25.45 -31.93 -30.13
CA GLU A 48 24.92 -32.93 -31.06
C GLU A 48 24.99 -34.34 -30.50
N THR A 49 25.90 -34.60 -29.57
CA THR A 49 26.16 -35.96 -29.11
C THR A 49 25.41 -36.33 -27.84
N LEU A 50 24.65 -35.40 -27.26
CA LEU A 50 23.95 -35.64 -26.00
C LEU A 50 22.42 -35.71 -26.17
N LEU A 51 21.90 -35.27 -27.32
CA LEU A 51 20.50 -35.42 -27.64
C LEU A 51 20.11 -36.90 -27.67
N GLY A 52 19.04 -37.24 -26.95
CA GLY A 52 18.65 -38.63 -26.81
C GLY A 52 19.36 -39.41 -25.72
N GLN A 53 19.99 -38.74 -24.76
CA GLN A 53 20.66 -39.40 -23.64
C GLN A 53 20.04 -38.94 -22.32
N PRO A 54 20.00 -39.81 -21.31
CA PRO A 54 19.30 -39.45 -20.07
C PRO A 54 19.94 -38.27 -19.38
N VAL A 55 19.14 -37.60 -18.54
CA VAL A 55 19.63 -36.58 -17.63
C VAL A 55 20.94 -37.03 -16.99
N GLY A 56 20.94 -38.25 -16.46
CA GLY A 56 22.06 -38.70 -15.64
C GLY A 56 23.36 -38.82 -16.41
N ARG A 57 23.30 -39.08 -17.72
CA ARG A 57 24.48 -39.15 -18.54
C ARG A 57 24.70 -37.87 -19.36
N VAL A 58 24.16 -36.73 -18.91
CA VAL A 58 24.49 -35.46 -19.55
C VAL A 58 24.84 -34.40 -18.52
N LEU A 59 23.89 -34.03 -17.67
CA LEU A 59 24.17 -33.03 -16.64
C LEU A 59 25.38 -33.46 -15.83
N PRO A 60 26.32 -32.55 -15.55
CA PRO A 60 27.50 -32.94 -14.76
C PRO A 60 27.07 -33.31 -13.35
N ALA A 61 27.91 -34.13 -12.70
CA ALA A 61 27.59 -34.64 -11.37
C ALA A 61 27.32 -33.52 -10.38
N GLU A 62 28.17 -32.48 -10.40
CA GLU A 62 27.92 -31.29 -9.59
C GLU A 62 26.43 -30.93 -9.56
N VAL A 63 25.78 -30.91 -10.74
CA VAL A 63 24.35 -30.60 -10.84
C VAL A 63 23.50 -31.76 -10.32
N LEU A 64 23.95 -32.99 -10.52
CA LEU A 64 23.11 -34.14 -10.18
C LEU A 64 22.84 -34.22 -8.68
N ALA A 65 23.88 -33.99 -7.88
CA ALA A 65 23.74 -34.00 -6.43
C ALA A 65 22.75 -32.95 -5.92
N GLN A 66 22.39 -31.98 -6.76
CA GLN A 66 21.40 -30.99 -6.41
C GLN A 66 20.06 -31.24 -7.09
N TRP A 67 19.92 -32.38 -7.78
CA TRP A 67 18.71 -32.61 -8.57
C TRP A 67 17.46 -32.57 -7.70
N GLU A 68 17.53 -33.18 -6.52
CA GLU A 68 16.39 -33.17 -5.60
C GLU A 68 16.05 -31.78 -5.11
N PRO A 69 16.99 -30.97 -4.58
CA PRO A 69 16.65 -29.57 -4.29
C PRO A 69 16.05 -28.85 -5.47
N LEU A 70 16.50 -29.19 -6.68
CA LEU A 70 16.09 -28.47 -7.87
C LEU A 70 14.62 -28.68 -8.17
N VAL A 71 14.23 -29.93 -8.40
CA VAL A 71 12.85 -30.25 -8.77
C VAL A 71 11.87 -29.80 -7.70
N ALA A 72 12.35 -29.64 -6.46
CA ALA A 72 11.52 -29.14 -5.36
C ALA A 72 11.18 -27.66 -5.52
N ARG A 73 12.20 -26.80 -5.51
CA ARG A 73 11.95 -25.36 -5.41
C ARG A 73 12.19 -24.59 -6.69
N GLY A 74 12.72 -25.24 -7.73
CA GLY A 74 12.86 -24.62 -9.05
C GLY A 74 14.20 -23.98 -9.30
N SER A 75 14.98 -23.76 -8.25
CA SER A 75 16.18 -22.92 -8.32
C SER A 75 17.10 -23.29 -7.18
N VAL A 76 18.37 -23.51 -7.50
CA VAL A 76 19.36 -23.94 -6.54
C VAL A 76 20.74 -23.49 -7.02
N ARG A 77 21.58 -23.07 -6.08
CA ARG A 77 22.95 -22.72 -6.39
C ARG A 77 23.83 -23.95 -6.43
N VAL A 78 24.56 -24.11 -7.54
CA VAL A 78 25.42 -25.26 -7.81
C VAL A 78 26.76 -24.74 -8.31
N VAL A 79 27.85 -25.37 -7.89
CA VAL A 79 29.18 -24.93 -8.28
C VAL A 79 29.75 -25.87 -9.33
N LEU A 80 30.08 -25.33 -10.49
CA LEU A 80 30.87 -25.99 -11.51
C LEU A 80 32.24 -25.32 -11.55
N PRO A 81 33.26 -25.94 -12.17
CA PRO A 81 34.55 -25.27 -12.22
C PRO A 81 34.45 -23.93 -12.91
N ALA A 82 33.30 -23.63 -13.51
CA ALA A 82 33.08 -22.37 -14.20
C ALA A 82 32.80 -21.21 -13.25
N GLY A 83 32.64 -21.48 -11.95
CA GLY A 83 32.33 -20.47 -10.97
C GLY A 83 31.20 -20.93 -10.07
N ALA A 84 30.16 -20.13 -9.94
CA ALA A 84 28.91 -20.56 -9.32
C ALA A 84 27.74 -20.22 -10.26
N TYR A 85 26.84 -21.18 -10.44
CA TYR A 85 25.79 -21.05 -11.45
C TYR A 85 24.42 -21.24 -10.83
N ARG A 86 23.55 -20.25 -11.02
CA ARG A 86 22.15 -20.37 -10.71
C ARG A 86 21.47 -21.21 -11.80
N ALA A 87 20.96 -22.37 -11.43
CA ALA A 87 20.19 -23.21 -12.34
C ALA A 87 18.70 -23.01 -12.09
N LEU A 88 17.96 -22.78 -13.17
CA LEU A 88 16.51 -22.58 -13.10
C LEU A 88 15.80 -23.76 -13.74
N LEU A 89 14.61 -24.05 -13.23
CA LEU A 89 13.80 -25.15 -13.71
C LEU A 89 12.40 -24.65 -14.03
N HIS A 90 11.86 -25.07 -15.16
CA HIS A 90 10.52 -24.66 -15.55
C HIS A 90 10.07 -25.51 -16.71
N GLU A 91 8.74 -25.51 -16.93
CA GLU A 91 8.10 -26.42 -17.84
C GLU A 91 7.63 -25.72 -19.11
N SER A 92 7.70 -26.43 -20.22
CA SER A 92 7.45 -25.82 -21.52
C SER A 92 7.22 -26.93 -22.52
N ASP A 93 6.20 -26.75 -23.37
CA ASP A 93 6.00 -27.57 -24.55
C ASP A 93 6.31 -29.04 -24.27
N GLY A 94 5.65 -29.57 -23.25
CA GLY A 94 5.81 -30.97 -22.89
C GLY A 94 7.17 -31.35 -22.36
N LEU A 95 7.95 -30.41 -21.83
CA LEU A 95 9.30 -30.72 -21.38
C LEU A 95 9.57 -30.07 -20.01
N THR A 96 10.61 -30.57 -19.35
CA THR A 96 11.21 -29.93 -18.18
C THR A 96 12.46 -29.16 -18.62
N VAL A 97 12.32 -27.85 -18.81
CA VAL A 97 13.44 -27.01 -19.24
C VAL A 97 14.37 -26.80 -18.06
N LEU A 98 15.66 -26.86 -18.31
CA LEU A 98 16.63 -26.37 -17.32
C LEU A 98 17.52 -25.32 -17.98
N GLU A 99 17.65 -24.17 -17.32
CA GLU A 99 18.50 -23.07 -17.78
C GLU A 99 19.59 -22.82 -16.74
N LEU A 100 20.84 -22.80 -17.17
CA LEU A 100 21.94 -22.48 -16.27
C LEU A 100 22.38 -21.04 -16.48
N GLU A 101 22.69 -20.35 -15.38
CA GLU A 101 22.90 -18.93 -15.38
C GLU A 101 23.91 -18.56 -14.30
N PRO A 102 24.88 -17.69 -14.61
CA PRO A 102 25.89 -17.31 -13.62
C PRO A 102 25.24 -16.75 -12.36
N ALA A 103 25.56 -17.36 -11.22
CA ALA A 103 24.98 -17.05 -9.92
C ALA A 103 25.37 -15.65 -9.44
N GLU A 104 24.82 -15.23 -8.31
CA GLU A 104 25.20 -13.97 -7.70
C GLU A 104 26.40 -14.21 -6.79
N LEU A 105 27.24 -13.20 -6.66
CA LEU A 105 28.49 -13.36 -5.94
C LEU A 105 28.70 -12.34 -4.84
N GLN A 106 27.80 -11.38 -4.66
CA GLN A 106 27.87 -10.48 -3.52
C GLN A 106 27.11 -11.08 -2.36
N PRO A 107 27.79 -11.49 -1.25
CA PRO A 107 27.11 -12.18 -0.13
C PRO A 107 25.99 -11.36 0.52
N GLY A 108 26.35 -10.23 1.13
CA GLY A 108 25.35 -9.31 1.63
C GLY A 108 24.59 -8.57 0.54
N MET A 109 24.31 -9.27 -0.57
CA MET A 109 23.39 -8.70 -1.56
C MET A 109 22.01 -8.53 -0.96
N GLU A 110 21.49 -9.58 -0.33
CA GLU A 110 20.11 -9.60 0.12
C GLU A 110 19.88 -8.63 1.28
N GLU A 111 20.78 -8.58 2.26
CA GLU A 111 20.76 -7.48 3.22
C GLU A 111 20.64 -6.14 2.51
N THR A 112 21.40 -5.94 1.43
CA THR A 112 21.36 -4.66 0.72
C THR A 112 19.95 -4.38 0.25
N ALA A 113 19.25 -5.41 -0.24
CA ALA A 113 17.89 -5.20 -0.70
C ALA A 113 16.98 -4.84 0.47
N LEU A 114 17.28 -5.34 1.67
CA LEU A 114 16.47 -5.00 2.83
C LEU A 114 16.42 -3.49 3.03
N GLU A 115 17.57 -2.82 2.90
CA GLU A 115 17.62 -1.37 3.09
C GLU A 115 16.83 -0.62 2.02
N VAL A 116 16.92 -1.03 0.75
CA VAL A 116 16.22 -0.25 -0.28
C VAL A 116 14.74 -0.53 -0.26
N VAL A 117 14.31 -1.70 0.21
CA VAL A 117 12.91 -1.81 0.61
C VAL A 117 12.59 -0.74 1.63
N ARG A 118 13.47 -0.56 2.62
CA ARG A 118 13.18 0.32 3.74
C ARG A 118 12.92 1.75 3.27
N ARG A 119 13.77 2.25 2.38
CA ARG A 119 13.53 3.57 1.81
C ARG A 119 12.17 3.61 1.09
N LEU A 120 11.85 2.55 0.35
CA LEU A 120 10.65 2.51 -0.49
C LEU A 120 9.38 2.23 0.29
N VAL A 121 9.48 1.59 1.46
CA VAL A 121 8.29 1.07 2.15
C VAL A 121 7.76 2.01 3.22
N SER A 122 8.56 2.98 3.67
CA SER A 122 8.35 3.82 4.85
C SER A 122 6.96 4.48 4.91
N PRO A 123 6.45 4.78 6.10
CA PRO A 123 5.37 5.76 6.23
C PRO A 123 5.98 7.14 6.20
N LEU A 124 5.10 8.15 6.10
CA LEU A 124 5.51 9.51 5.75
C LEU A 124 6.35 9.52 4.47
N ALA A 125 6.13 8.51 3.64
CA ALA A 125 6.85 8.35 2.37
C ALA A 125 5.97 8.90 1.25
N GLY A 126 6.50 9.87 0.51
CA GLY A 126 5.75 10.59 -0.50
C GLY A 126 5.20 11.91 -0.02
N VAL A 127 5.32 12.20 1.28
CA VAL A 127 5.00 13.51 1.90
C VAL A 127 5.49 14.65 1.01
N LYS A 128 6.46 14.34 0.15
CA LYS A 128 6.91 15.26 -0.89
C LYS A 128 6.10 15.16 -2.16
N GLY A 129 5.53 14.00 -2.48
CA GLY A 129 4.66 13.87 -3.62
C GLY A 129 4.77 12.50 -4.28
N THR A 130 3.69 12.07 -4.92
CA THR A 130 3.60 10.75 -5.53
C THR A 130 4.57 10.60 -6.69
N GLN A 131 5.33 11.66 -6.98
CA GLN A 131 6.42 11.66 -7.96
C GLN A 131 7.74 11.33 -7.31
N ALA A 132 8.02 11.91 -6.13
CA ALA A 132 9.12 11.43 -5.30
C ALA A 132 9.00 9.93 -5.11
N LEU A 133 7.79 9.47 -4.79
CA LEU A 133 7.46 8.06 -4.88
C LEU A 133 8.13 7.42 -6.07
N LEU A 134 7.81 7.91 -7.27
CA LEU A 134 8.46 7.34 -8.45
C LEU A 134 9.94 7.69 -8.50
N GLN A 135 10.32 8.82 -7.92
CA GLN A 135 11.74 9.17 -7.92
C GLN A 135 12.54 8.19 -7.07
N THR A 136 11.97 7.74 -5.95
CA THR A 136 12.71 6.91 -5.01
C THR A 136 12.81 5.48 -5.50
N ALA A 137 11.71 4.92 -5.99
CA ALA A 137 11.78 3.61 -6.65
C ALA A 137 12.88 3.61 -7.70
N ALA A 138 12.96 4.70 -8.47
CA ALA A 138 14.00 4.85 -9.49
C ALA A 138 15.40 4.78 -8.88
N ASP A 139 15.68 5.66 -7.90
CA ASP A 139 16.96 5.62 -7.23
C ASP A 139 17.22 4.25 -6.58
N THR A 140 16.18 3.65 -5.97
CA THR A 140 16.38 2.40 -5.23
C THR A 140 16.81 1.26 -6.14
N VAL A 141 16.14 1.08 -7.28
CA VAL A 141 16.55 0.04 -8.22
C VAL A 141 17.97 0.29 -8.70
N ARG A 142 18.28 1.56 -9.01
CA ARG A 142 19.64 1.95 -9.37
C ARG A 142 20.62 1.55 -8.29
N ALA A 143 20.36 1.95 -7.04
CA ALA A 143 21.31 1.66 -5.97
C ALA A 143 21.51 0.16 -5.80
N LEU A 144 20.58 -0.65 -6.31
CA LEU A 144 20.62 -2.11 -6.26
C LEU A 144 21.16 -2.76 -7.54
N THR A 145 20.86 -2.21 -8.71
CA THR A 145 21.40 -2.76 -9.96
C THR A 145 22.79 -2.25 -10.25
N GLY A 146 23.04 -0.98 -9.93
CA GLY A 146 24.25 -0.34 -10.39
C GLY A 146 24.18 0.00 -11.86
N PHE A 147 23.00 0.38 -12.35
CA PHE A 147 22.79 0.73 -13.73
C PHE A 147 23.08 2.22 -13.98
N ASP A 148 23.36 2.56 -15.24
CA ASP A 148 23.61 3.96 -15.57
C ASP A 148 22.36 4.79 -15.34
N ARG A 149 21.23 4.32 -15.82
CA ARG A 149 20.04 5.17 -15.85
C ARG A 149 18.81 4.30 -15.68
N VAL A 150 17.98 4.67 -14.72
CA VAL A 150 16.75 3.94 -14.44
C VAL A 150 15.60 4.92 -14.58
N MET A 151 14.60 4.56 -15.37
CA MET A 151 13.43 5.40 -15.54
C MET A 151 12.17 4.63 -15.15
N VAL A 152 11.12 5.36 -14.81
CA VAL A 152 9.80 4.78 -14.56
C VAL A 152 8.92 5.17 -15.74
N TYR A 153 8.45 4.19 -16.48
CA TYR A 153 7.96 4.40 -17.84
C TYR A 153 6.51 3.94 -17.88
N ARG A 154 5.56 4.89 -17.88
CA ARG A 154 4.13 4.61 -17.76
C ARG A 154 3.41 4.66 -19.11
N PHE A 155 2.29 3.96 -19.21
CA PHE A 155 1.45 4.02 -20.40
C PHE A 155 0.26 4.97 -20.21
N ASP A 156 0.02 5.82 -21.20
CA ASP A 156 -1.20 6.59 -21.31
C ASP A 156 -2.30 5.76 -22.00
N ALA A 157 -3.51 6.32 -22.08
CA ALA A 157 -4.63 5.59 -22.67
C ALA A 157 -4.46 5.27 -24.16
N ASP A 158 -3.45 5.87 -24.81
CA ASP A 158 -3.05 5.51 -26.18
C ASP A 158 -2.02 4.40 -26.19
N TRP A 159 -1.64 3.90 -25.01
CA TRP A 159 -0.52 2.98 -24.86
C TRP A 159 0.79 3.61 -25.30
N HIS A 160 0.86 4.95 -25.28
CA HIS A 160 2.08 5.69 -25.55
C HIS A 160 2.78 6.04 -24.24
N GLY A 161 4.11 5.85 -24.22
CA GLY A 161 4.86 6.02 -23.00
C GLY A 161 5.22 7.47 -22.71
N GLU A 162 5.51 7.72 -21.44
CA GLU A 162 6.26 8.90 -21.07
C GLU A 162 7.03 8.56 -19.80
N VAL A 163 8.17 9.21 -19.64
CA VAL A 163 9.06 8.94 -18.52
C VAL A 163 8.68 9.89 -17.40
N LEU A 164 8.11 9.34 -16.32
CA LEU A 164 7.61 10.15 -15.21
C LEU A 164 8.68 10.50 -14.20
N ALA A 165 9.72 9.67 -14.07
CA ALA A 165 10.88 9.97 -13.23
C ALA A 165 12.10 9.34 -13.86
N GLU A 166 13.27 9.85 -13.49
CA GLU A 166 14.54 9.34 -13.99
C GLU A 166 15.58 9.41 -12.88
N SER A 167 16.61 8.59 -13.02
CA SER A 167 17.68 8.47 -12.04
C SER A 167 18.86 7.86 -12.77
N LYS A 168 20.00 8.54 -12.74
CA LYS A 168 20.95 8.33 -13.83
C LYS A 168 22.33 8.81 -13.45
N ARG A 169 23.32 7.97 -13.77
CA ARG A 169 24.71 8.36 -13.68
C ARG A 169 24.98 9.65 -14.47
N GLY A 170 25.94 10.44 -13.99
CA GLY A 170 26.40 11.60 -14.73
C GLY A 170 27.08 11.21 -16.03
N GLY A 171 27.08 12.15 -16.97
CA GLY A 171 27.44 11.88 -18.35
C GLY A 171 26.28 11.33 -19.17
N MET A 172 25.40 10.56 -18.52
CA MET A 172 24.16 10.17 -19.17
C MET A 172 23.30 11.41 -19.41
N ASP A 173 22.63 11.42 -20.57
CA ASP A 173 21.68 12.49 -20.86
C ASP A 173 20.36 12.19 -20.18
N GLY A 174 19.25 12.63 -20.78
CA GLY A 174 18.00 12.61 -20.08
C GLY A 174 16.76 12.61 -20.96
N PHE A 175 15.91 11.63 -20.70
CA PHE A 175 14.64 11.47 -21.38
C PHE A 175 13.43 11.71 -20.47
N LEU A 176 13.64 12.13 -19.23
CA LEU A 176 12.56 12.53 -18.35
C LEU A 176 11.54 13.37 -19.11
N GLY A 177 10.26 13.15 -18.79
CA GLY A 177 9.17 13.87 -19.39
C GLY A 177 8.93 13.63 -20.86
N MET A 178 9.84 12.95 -21.57
CA MET A 178 9.68 12.74 -23.00
C MET A 178 8.70 11.61 -23.27
N HIS A 179 8.01 11.71 -24.39
CA HIS A 179 6.99 10.71 -24.70
C HIS A 179 7.50 9.71 -25.73
N PHE A 180 6.79 8.60 -25.82
CA PHE A 180 7.33 7.48 -26.56
C PHE A 180 6.24 6.75 -27.34
N PRO A 181 6.38 6.64 -28.66
CA PRO A 181 5.34 6.06 -29.52
C PRO A 181 4.71 4.77 -29.02
N ALA A 182 3.44 4.54 -29.38
CA ALA A 182 2.75 3.33 -28.96
C ALA A 182 3.44 2.07 -29.49
N THR A 183 3.94 2.09 -30.71
CA THR A 183 4.54 0.88 -31.25
C THR A 183 6.00 0.71 -30.82
N ASP A 184 6.53 1.61 -29.98
CA ASP A 184 7.85 1.34 -29.40
C ASP A 184 7.88 0.01 -28.66
N ILE A 185 6.71 -0.46 -28.24
CA ILE A 185 6.48 -1.76 -27.62
C ILE A 185 5.13 -2.23 -28.13
N PRO A 186 5.10 -3.20 -29.03
CA PRO A 186 3.84 -3.65 -29.62
C PRO A 186 3.05 -4.49 -28.60
N VAL A 187 1.88 -4.96 -29.03
CA VAL A 187 0.96 -5.63 -28.12
C VAL A 187 1.54 -6.95 -27.63
N GLN A 188 1.97 -7.80 -28.55
CA GLN A 188 2.51 -9.10 -28.18
C GLN A 188 3.59 -8.98 -27.12
N ALA A 189 4.33 -7.87 -27.13
CA ALA A 189 5.21 -7.59 -26.00
C ALA A 189 4.38 -7.27 -24.75
N ARG A 190 3.34 -6.43 -24.91
CA ARG A 190 2.64 -5.89 -23.75
C ARG A 190 1.95 -6.97 -22.94
N ALA A 191 1.37 -7.95 -23.62
CA ALA A 191 0.72 -9.06 -22.92
C ALA A 191 1.74 -10.07 -22.41
N LEU A 192 2.87 -10.24 -23.12
CA LEU A 192 3.91 -11.12 -22.60
C LEU A 192 4.59 -10.51 -21.39
N TYR A 193 4.74 -9.19 -21.38
CA TYR A 193 5.22 -8.50 -20.18
C TYR A 193 4.15 -8.40 -19.10
N THR A 194 2.94 -8.91 -19.36
CA THR A 194 1.87 -8.95 -18.37
C THR A 194 1.99 -10.16 -17.46
N ARG A 195 2.37 -11.33 -18.00
CA ARG A 195 2.66 -12.45 -17.10
C ARG A 195 4.10 -12.40 -16.62
N ASN A 196 5.04 -12.38 -17.54
CA ASN A 196 6.45 -12.33 -17.23
C ASN A 196 6.81 -10.88 -16.89
N PRO A 197 7.15 -10.59 -15.63
CA PRO A 197 7.48 -9.22 -15.21
C PRO A 197 8.98 -8.92 -15.13
N LEU A 198 9.83 -9.83 -15.58
CA LEU A 198 11.28 -9.67 -15.52
C LEU A 198 11.84 -9.82 -16.92
N ARG A 199 12.98 -9.17 -17.19
CA ARG A 199 13.63 -9.35 -18.49
C ARG A 199 15.01 -8.72 -18.55
N LEU A 200 16.02 -9.50 -18.93
CA LEU A 200 17.39 -9.03 -19.03
C LEU A 200 17.82 -9.13 -20.49
N ILE A 201 18.33 -8.01 -21.02
CA ILE A 201 19.10 -8.01 -22.26
C ILE A 201 20.54 -7.74 -21.87
N ALA A 202 21.36 -8.79 -21.85
CA ALA A 202 22.66 -8.72 -21.21
C ALA A 202 23.73 -8.15 -22.11
N ASP A 203 23.56 -8.26 -23.43
CA ASP A 203 24.52 -7.67 -24.36
C ASP A 203 23.76 -7.40 -25.65
N ALA A 204 23.30 -6.16 -25.82
CA ALA A 204 22.63 -5.86 -27.08
C ALA A 204 23.54 -6.04 -28.30
N ARG A 205 24.87 -6.16 -28.11
CA ARG A 205 25.82 -6.35 -29.20
C ARG A 205 26.38 -7.78 -29.26
N ALA A 206 25.64 -8.77 -28.79
CA ALA A 206 26.08 -10.16 -28.84
C ALA A 206 25.13 -10.96 -29.74
N ARG A 207 25.54 -12.21 -30.02
CA ARG A 207 24.87 -13.01 -31.05
C ARG A 207 23.94 -14.03 -30.42
N PRO A 208 22.60 -13.91 -30.59
CA PRO A 208 21.66 -14.92 -30.07
C PRO A 208 22.05 -16.33 -30.42
N VAL A 209 22.17 -17.19 -29.42
CA VAL A 209 22.74 -18.54 -29.57
C VAL A 209 21.60 -19.53 -29.77
N PRO A 210 21.63 -20.35 -30.82
CA PRO A 210 20.45 -21.14 -31.17
C PRO A 210 20.34 -22.47 -30.44
N LEU A 211 19.10 -22.93 -30.31
CA LEU A 211 18.87 -24.29 -29.88
C LEU A 211 19.13 -25.27 -31.02
N LEU A 212 19.27 -26.54 -30.67
CA LEU A 212 19.45 -27.62 -31.63
C LEU A 212 18.72 -28.81 -31.04
N PRO A 213 17.72 -29.38 -31.74
CA PRO A 213 17.13 -28.95 -33.02
C PRO A 213 16.50 -27.56 -32.96
N PRO A 214 16.38 -26.82 -34.05
CA PRO A 214 15.78 -25.49 -33.98
C PRO A 214 14.28 -25.53 -33.82
N VAL A 215 13.73 -26.74 -33.73
CA VAL A 215 12.30 -26.98 -33.70
C VAL A 215 12.07 -28.22 -32.85
N VAL A 216 11.02 -28.20 -32.03
CA VAL A 216 10.61 -29.42 -31.34
C VAL A 216 10.00 -30.34 -32.39
N PRO A 217 10.59 -31.55 -32.63
CA PRO A 217 10.11 -32.44 -33.71
C PRO A 217 8.60 -32.63 -33.77
N ALA A 218 8.03 -33.14 -32.67
CA ALA A 218 6.58 -33.37 -32.67
C ALA A 218 5.81 -32.09 -32.92
N LEU A 219 6.44 -30.93 -32.71
CA LEU A 219 5.72 -29.69 -32.80
C LEU A 219 6.01 -28.89 -34.05
N GLY A 220 7.09 -29.19 -34.78
CA GLY A 220 7.38 -28.49 -36.03
C GLY A 220 7.37 -27.00 -35.83
N ARG A 221 7.85 -26.56 -34.67
CA ARG A 221 8.00 -25.18 -34.27
C ARG A 221 9.06 -25.17 -33.18
N PRO A 222 9.66 -24.01 -32.91
CA PRO A 222 10.62 -23.99 -31.79
C PRO A 222 9.89 -24.11 -30.48
N LEU A 223 10.62 -24.58 -29.47
CA LEU A 223 10.19 -24.55 -28.07
C LEU A 223 9.66 -23.16 -27.70
N ASP A 224 8.57 -23.14 -26.91
CA ASP A 224 8.00 -21.90 -26.41
C ASP A 224 8.88 -21.35 -25.28
N LEU A 225 9.49 -20.20 -25.52
CA LEU A 225 10.38 -19.55 -24.56
C LEU A 225 9.69 -18.41 -23.82
N SER A 226 8.37 -18.54 -23.60
CA SER A 226 7.60 -17.52 -22.88
C SER A 226 7.96 -17.46 -21.40
N ASN A 227 8.53 -18.53 -20.84
CA ASN A 227 8.91 -18.55 -19.43
C ASN A 227 10.42 -18.53 -19.25
N SER A 228 11.18 -18.39 -20.34
CA SER A 228 12.63 -18.50 -20.29
C SER A 228 13.24 -17.22 -19.75
N ALA A 229 14.28 -17.39 -18.93
CA ALA A 229 15.08 -16.26 -18.50
C ALA A 229 16.12 -15.91 -19.55
N LEU A 230 16.59 -16.92 -20.28
CA LEU A 230 17.67 -16.74 -21.24
C LEU A 230 17.17 -16.36 -22.64
N ARG A 231 15.96 -15.83 -22.76
CA ARG A 231 15.38 -15.57 -24.07
C ARG A 231 16.05 -14.39 -24.77
N SER A 232 16.45 -14.59 -26.02
CA SER A 232 16.97 -13.50 -26.85
C SER A 232 15.81 -12.65 -27.37
N VAL A 233 15.84 -11.35 -27.07
CA VAL A 233 14.75 -10.46 -27.49
C VAL A 233 14.74 -10.23 -29.00
N SER A 234 13.68 -9.58 -29.47
CA SER A 234 13.43 -9.38 -30.90
C SER A 234 14.53 -8.54 -31.55
N PRO A 235 15.06 -8.95 -32.70
CA PRO A 235 16.25 -8.28 -33.26
C PRO A 235 16.05 -6.81 -33.56
N VAL A 236 14.86 -6.41 -33.97
CA VAL A 236 14.60 -4.99 -34.19
C VAL A 236 14.80 -4.22 -32.87
N HIS A 237 14.26 -4.76 -31.78
CA HIS A 237 14.47 -4.16 -30.47
C HIS A 237 15.93 -4.23 -30.06
N LEU A 238 16.67 -5.17 -30.59
CA LEU A 238 18.10 -5.12 -30.39
C LEU A 238 18.69 -4.00 -31.23
N GLU A 239 18.27 -3.92 -32.48
CA GLU A 239 18.65 -2.81 -33.33
C GLU A 239 18.17 -1.49 -32.77
N TYR A 240 17.07 -1.50 -32.01
CA TYR A 240 16.59 -0.27 -31.41
C TYR A 240 17.53 0.20 -30.30
N LEU A 241 17.82 -0.66 -29.31
CA LEU A 241 18.80 -0.33 -28.28
C LEU A 241 20.07 0.19 -28.92
N ARG A 242 20.58 -0.51 -29.93
CA ARG A 242 21.80 -0.06 -30.59
C ARG A 242 21.68 1.38 -31.09
N ASN A 243 20.53 1.72 -31.72
CA ASN A 243 20.29 3.13 -32.05
C ASN A 243 20.39 3.99 -30.80
N MET A 244 19.81 3.53 -29.69
CA MET A 244 19.73 4.30 -28.46
C MET A 244 21.08 4.60 -27.86
N GLY A 245 22.14 4.01 -28.40
CA GLY A 245 23.42 4.07 -27.75
C GLY A 245 23.27 3.44 -26.38
N VAL A 246 23.14 2.12 -26.33
CA VAL A 246 23.06 1.41 -25.06
C VAL A 246 23.42 -0.03 -25.32
N GLY A 247 24.09 -0.64 -24.35
CA GLY A 247 24.54 -2.00 -24.56
C GLY A 247 24.01 -3.05 -23.59
N ALA A 248 22.96 -2.72 -22.83
CA ALA A 248 22.26 -3.66 -21.96
C ALA A 248 20.96 -3.05 -21.44
N SER A 249 19.91 -3.87 -21.34
CA SER A 249 18.62 -3.42 -20.86
C SER A 249 18.01 -4.43 -19.91
N PHE A 250 17.28 -3.89 -18.94
CA PHE A 250 16.59 -4.64 -17.93
C PHE A 250 15.35 -3.82 -17.58
N SER A 251 14.18 -4.46 -17.54
CA SER A 251 12.98 -3.72 -17.20
C SER A 251 12.08 -4.61 -16.36
N LEU A 252 11.18 -3.96 -15.62
CA LEU A 252 10.31 -4.62 -14.66
C LEU A 252 8.91 -4.08 -14.84
N SER A 253 7.93 -4.96 -15.04
CA SER A 253 6.57 -4.49 -15.27
C SER A 253 5.95 -4.02 -13.96
N LEU A 254 5.24 -2.90 -14.02
CA LEU A 254 4.48 -2.37 -12.89
C LEU A 254 3.03 -2.80 -13.06
N LEU A 255 2.70 -3.95 -12.50
CA LEU A 255 1.33 -4.43 -12.48
C LEU A 255 0.65 -3.74 -11.30
N LYS A 256 -0.55 -3.19 -11.53
CA LYS A 256 -1.24 -2.42 -10.51
C LYS A 256 -2.72 -2.74 -10.63
N GLU A 257 -3.24 -3.53 -9.70
CA GLU A 257 -4.57 -4.09 -9.83
C GLU A 257 -4.73 -4.80 -11.17
N GLY A 258 -3.63 -5.24 -11.75
CA GLY A 258 -3.66 -5.90 -13.04
C GLY A 258 -2.87 -5.21 -14.14
N VAL A 259 -3.55 -4.33 -14.90
CA VAL A 259 -3.05 -3.72 -16.14
C VAL A 259 -1.60 -3.29 -15.98
N LEU A 260 -0.84 -3.37 -17.06
CA LEU A 260 0.50 -2.82 -16.99
C LEU A 260 0.37 -1.32 -16.80
N TRP A 261 0.66 -0.83 -15.61
CA TRP A 261 0.63 0.60 -15.41
C TRP A 261 1.82 1.28 -16.05
N GLY A 262 2.71 0.51 -16.65
CA GLY A 262 3.99 0.98 -17.16
C GLY A 262 5.09 0.01 -16.77
N LEU A 263 6.32 0.47 -16.86
CA LEU A 263 7.50 -0.35 -16.61
C LEU A 263 8.49 0.41 -15.72
N ILE A 264 9.53 -0.29 -15.25
CA ILE A 264 10.70 0.30 -14.60
C ILE A 264 11.89 -0.01 -15.50
N ALA A 265 12.40 0.98 -16.22
CA ALA A 265 13.37 0.68 -17.28
C ALA A 265 14.80 0.83 -16.76
N CYS A 266 15.74 0.13 -17.40
CA CYS A 266 17.13 0.13 -16.95
C CYS A 266 18.04 0.01 -18.14
N HIS A 267 18.86 1.03 -18.35
CA HIS A 267 19.81 1.04 -19.44
C HIS A 267 21.20 1.23 -18.87
N HIS A 268 22.17 0.63 -19.54
CA HIS A 268 23.55 0.66 -19.13
C HIS A 268 24.39 0.75 -20.41
N LEU A 269 25.35 1.67 -20.42
CA LEU A 269 26.07 1.95 -21.65
C LEU A 269 26.80 0.72 -22.16
N GLU A 270 27.44 -0.05 -21.24
CA GLU A 270 28.13 -1.31 -21.54
C GLU A 270 27.18 -2.48 -21.28
N PRO A 271 27.63 -3.72 -21.47
CA PRO A 271 26.85 -4.87 -20.99
C PRO A 271 27.00 -5.07 -19.49
N LEU A 272 25.97 -5.68 -18.90
CA LEU A 272 25.97 -6.00 -17.50
C LEU A 272 25.09 -7.22 -17.34
N HIS A 273 25.53 -8.17 -16.50
CA HIS A 273 24.74 -9.35 -16.18
C HIS A 273 24.25 -9.23 -14.75
N ILE A 274 22.95 -9.36 -14.54
CA ILE A 274 22.34 -9.24 -13.23
C ILE A 274 21.82 -10.62 -12.83
N SER A 275 22.31 -11.12 -11.69
CA SER A 275 21.91 -12.41 -11.16
C SER A 275 20.41 -12.61 -11.10
N HIS A 276 19.99 -13.87 -10.99
CA HIS A 276 18.57 -14.16 -10.82
C HIS A 276 18.01 -13.58 -9.53
N GLU A 277 18.81 -13.59 -8.46
CA GLU A 277 18.32 -13.21 -7.15
C GLU A 277 18.16 -11.70 -7.03
N ARG A 278 19.20 -10.96 -7.42
CA ARG A 278 19.06 -9.51 -7.55
C ARG A 278 17.87 -9.21 -8.44
N ARG A 279 17.75 -9.94 -9.55
CA ARG A 279 16.59 -9.74 -10.41
C ARG A 279 15.30 -9.85 -9.63
N ARG A 280 15.22 -10.82 -8.71
CA ARG A 280 14.05 -10.99 -7.85
C ARG A 280 13.96 -9.90 -6.78
N ALA A 281 15.09 -9.57 -6.15
CA ALA A 281 15.15 -8.43 -5.24
C ALA A 281 14.50 -7.22 -5.88
N CYS A 282 14.75 -7.06 -7.18
CA CYS A 282 14.23 -5.87 -7.86
C CYS A 282 12.74 -5.99 -8.10
N GLU A 283 12.23 -7.21 -8.28
CA GLU A 283 10.80 -7.41 -8.48
C GLU A 283 9.99 -6.86 -7.31
N VAL A 284 10.39 -7.21 -6.08
CA VAL A 284 9.66 -6.77 -4.90
C VAL A 284 9.67 -5.25 -4.82
N LEU A 285 10.75 -4.63 -5.31
CA LEU A 285 10.81 -3.17 -5.35
C LEU A 285 9.70 -2.61 -6.21
N THR A 286 9.44 -3.22 -7.37
CA THR A 286 8.32 -2.75 -8.18
C THR A 286 7.02 -2.99 -7.44
N GLN A 287 6.74 -4.25 -7.09
CA GLN A 287 5.52 -4.66 -6.38
C GLN A 287 5.17 -3.67 -5.28
N LEU A 288 6.20 -3.28 -4.52
CA LEU A 288 5.99 -2.33 -3.45
C LEU A 288 5.46 -1.01 -3.99
N LEU A 289 6.17 -0.43 -4.96
CA LEU A 289 5.78 0.86 -5.51
C LEU A 289 4.35 0.83 -6.01
N ALA A 290 4.02 -0.19 -6.80
CA ALA A 290 2.64 -0.34 -7.27
C ALA A 290 1.66 -0.29 -6.10
N LEU A 291 2.02 -0.97 -5.01
CA LEU A 291 1.21 -0.95 -3.80
C LEU A 291 1.20 0.46 -3.17
N GLN A 292 2.35 1.14 -3.19
CA GLN A 292 2.44 2.53 -2.73
C GLN A 292 1.59 3.45 -3.61
N LEU A 293 1.71 3.29 -4.93
CA LEU A 293 0.89 4.08 -5.84
C LEU A 293 -0.58 3.87 -5.56
N SER A 294 -0.97 2.61 -5.33
CA SER A 294 -2.38 2.25 -5.13
C SER A 294 -2.98 2.90 -3.89
N ALA A 295 -2.25 2.94 -2.79
CA ALA A 295 -2.85 3.47 -1.55
C ALA A 295 -2.98 4.97 -1.59
N GLU A 296 -2.09 5.66 -2.31
CA GLU A 296 -2.13 7.12 -2.39
C GLU A 296 -3.17 7.61 -3.38
N GLU A 297 -3.33 6.90 -4.51
CA GLU A 297 -4.34 7.27 -5.48
C GLU A 297 -5.73 7.30 -4.83
N ARG A 298 -6.19 6.14 -4.32
CA ARG A 298 -7.44 6.06 -3.55
C ARG A 298 -7.56 7.21 -2.57
N ALA A 299 -6.53 7.39 -1.74
CA ALA A 299 -6.51 8.50 -0.80
C ALA A 299 -6.78 9.82 -1.53
N ALA A 300 -6.04 10.08 -2.63
CA ALA A 300 -6.16 11.34 -3.35
C ALA A 300 -7.58 11.62 -3.79
N GLU A 301 -8.25 10.60 -4.31
CA GLU A 301 -9.63 10.79 -4.75
C GLU A 301 -10.55 10.98 -3.57
N ALA A 302 -10.28 10.25 -2.48
CA ALA A 302 -11.12 10.35 -1.29
C ALA A 302 -11.30 11.82 -0.91
N SER A 303 -10.19 12.50 -0.64
CA SER A 303 -10.26 13.89 -0.19
C SER A 303 -10.98 14.74 -1.23
N GLU A 304 -10.59 14.58 -2.49
CA GLU A 304 -11.24 15.26 -3.61
C GLU A 304 -12.74 15.17 -3.53
N ASP A 305 -13.27 13.94 -3.39
CA ASP A 305 -14.70 13.75 -3.31
C ASP A 305 -15.28 14.46 -2.09
N ALA A 306 -14.67 14.26 -0.93
CA ALA A 306 -15.10 14.97 0.27
C ALA A 306 -15.15 16.47 0.03
N HIS A 307 -14.09 17.03 -0.52
N HIS A 307 -14.06 17.01 -0.54
CA HIS A 307 -14.10 18.46 -0.74
CA HIS A 307 -13.99 18.43 -0.86
C HIS A 307 -15.10 18.87 -1.83
C HIS A 307 -15.13 18.85 -1.78
N ARG A 308 -15.62 17.91 -2.62
CA ARG A 308 -16.78 18.17 -3.47
C ARG A 308 -18.08 18.11 -2.66
N ALA A 309 -18.18 17.10 -1.78
CA ALA A 309 -19.34 17.02 -0.90
C ALA A 309 -19.46 18.25 -0.02
N ALA A 310 -18.33 18.88 0.30
CA ALA A 310 -18.38 20.17 0.98
C ALA A 310 -19.33 21.12 0.28
N LEU A 311 -19.28 21.14 -1.06
CA LEU A 311 -20.02 22.11 -1.86
C LEU A 311 -21.49 21.74 -1.99
N LEU A 312 -21.75 20.48 -2.33
CA LEU A 312 -23.14 20.05 -2.46
C LEU A 312 -23.92 20.26 -1.16
N GLY A 313 -23.25 20.11 -0.02
CA GLY A 313 -23.89 20.38 1.26
C GLY A 313 -24.14 21.86 1.52
N GLN A 314 -23.30 22.73 0.98
CA GLN A 314 -23.51 24.15 1.20
C GLN A 314 -24.40 24.74 0.13
N LEU A 315 -24.17 24.33 -1.12
CA LEU A 315 -25.19 24.50 -2.13
C LEU A 315 -26.53 24.10 -1.57
N ALA A 316 -26.58 22.94 -0.91
CA ALA A 316 -27.85 22.41 -0.41
C ALA A 316 -28.47 23.34 0.64
N THR A 317 -27.66 23.78 1.61
CA THR A 317 -28.18 24.69 2.63
C THR A 317 -28.46 26.07 2.06
N ALA A 318 -27.67 26.51 1.08
CA ALA A 318 -28.05 27.67 0.27
C ALA A 318 -29.46 27.51 -0.24
N MET A 319 -29.80 26.31 -0.71
CA MET A 319 -31.16 26.00 -1.11
C MET A 319 -31.99 25.57 0.11
N GLY A 320 -33.29 25.50 -0.08
CA GLY A 320 -34.16 25.25 1.04
C GLY A 320 -34.30 26.49 1.91
N GLU A 321 -33.24 27.29 1.96
CA GLU A 321 -33.26 28.59 2.63
C GLU A 321 -34.42 29.43 2.14
N GLY A 322 -34.22 30.15 1.03
CA GLY A 322 -35.26 31.02 0.51
C GLY A 322 -35.19 31.18 -0.99
N GLY A 323 -36.21 31.86 -1.51
CA GLY A 323 -36.27 32.21 -2.93
C GLY A 323 -36.56 31.03 -3.82
N THR A 324 -36.78 31.28 -5.11
CA THR A 324 -36.80 30.21 -6.09
C THR A 324 -35.38 29.74 -6.37
N LEU A 325 -35.20 29.09 -7.51
CA LEU A 325 -33.94 28.49 -7.90
C LEU A 325 -33.10 29.45 -8.71
N GLU A 326 -33.75 30.22 -9.58
CA GLU A 326 -33.05 31.28 -10.30
C GLU A 326 -32.44 32.28 -9.34
N GLU A 327 -32.78 32.19 -8.06
CA GLU A 327 -32.27 33.06 -7.00
C GLU A 327 -30.99 32.51 -6.38
N VAL A 328 -31.02 31.28 -5.86
CA VAL A 328 -29.81 30.76 -5.24
C VAL A 328 -28.70 30.61 -6.27
N LEU A 329 -29.04 30.27 -7.51
CA LEU A 329 -28.03 30.11 -8.55
C LEU A 329 -27.20 31.38 -8.71
N GLU A 330 -27.88 32.52 -8.83
CA GLU A 330 -27.23 33.81 -8.92
C GLU A 330 -26.12 33.94 -7.88
N LYS A 331 -26.46 33.73 -6.62
CA LYS A 331 -25.49 33.75 -5.56
C LYS A 331 -24.64 32.48 -5.50
N GLU A 332 -25.12 31.35 -6.04
CA GLU A 332 -24.39 30.12 -5.80
C GLU A 332 -23.36 29.79 -6.88
N SER A 333 -23.45 30.44 -8.05
CA SER A 333 -22.61 30.18 -9.22
C SER A 333 -21.16 29.86 -8.87
N GLU A 334 -20.57 30.60 -7.94
CA GLU A 334 -19.17 30.38 -7.57
C GLU A 334 -18.95 29.11 -6.74
N ARG A 335 -19.97 28.28 -6.54
CA ARG A 335 -19.74 26.87 -6.27
C ARG A 335 -20.33 25.99 -7.34
N VAL A 336 -21.40 26.43 -8.00
CA VAL A 336 -21.97 25.68 -9.11
C VAL A 336 -20.92 25.34 -10.15
N LEU A 337 -20.01 26.29 -10.43
CA LEU A 337 -18.91 26.04 -11.36
C LEU A 337 -17.77 25.27 -10.72
N ALA A 338 -17.69 25.26 -9.38
CA ALA A 338 -16.63 24.54 -8.69
C ALA A 338 -16.89 23.06 -8.60
N LEU A 339 -18.16 22.67 -8.47
CA LEU A 339 -18.53 21.25 -8.41
C LEU A 339 -17.77 20.42 -9.45
N THR A 340 -17.54 20.94 -10.65
CA THR A 340 -16.81 20.20 -11.67
C THR A 340 -15.51 20.88 -12.12
N GLY A 341 -15.06 21.91 -11.41
CA GLY A 341 -13.92 22.70 -11.87
C GLY A 341 -14.16 23.23 -13.27
N ALA A 342 -15.23 24.00 -13.42
CA ALA A 342 -15.67 24.45 -14.74
C ALA A 342 -15.63 25.97 -14.79
N ALA A 343 -15.75 26.49 -16.02
CA ALA A 343 -15.63 27.91 -16.31
C ALA A 343 -16.98 28.59 -16.57
N GLY A 344 -17.97 27.86 -17.09
CA GLY A 344 -19.34 28.36 -17.15
C GLY A 344 -20.30 27.20 -17.20
N VAL A 345 -21.56 27.48 -16.85
CA VAL A 345 -22.59 26.46 -16.87
C VAL A 345 -23.84 26.98 -17.56
N ALA A 346 -24.50 26.08 -18.30
CA ALA A 346 -25.83 26.22 -18.87
C ALA A 346 -26.83 25.40 -18.07
N LEU A 347 -28.09 25.84 -18.08
CA LEU A 347 -29.15 25.25 -17.27
C LEU A 347 -30.46 25.38 -18.03
N LEU A 348 -30.97 24.28 -18.59
CA LEU A 348 -32.28 24.26 -19.28
C LEU A 348 -33.29 23.53 -18.40
N LEU A 349 -33.64 24.15 -17.28
CA LEU A 349 -34.55 23.56 -16.31
C LEU A 349 -36.01 23.91 -16.58
N GLY A 350 -36.27 24.72 -17.59
CA GLY A 350 -37.60 25.17 -17.94
C GLY A 350 -37.61 26.42 -18.80
N GLU A 351 -37.36 27.56 -18.19
CA GLU A 351 -37.30 28.81 -18.94
C GLU A 351 -36.08 28.79 -19.86
N GLU A 352 -35.95 29.85 -20.67
CA GLU A 352 -34.85 30.05 -21.60
C GLU A 352 -33.54 29.79 -20.89
N PRO A 353 -32.50 29.38 -21.63
CA PRO A 353 -31.17 29.20 -21.03
C PRO A 353 -30.83 30.17 -19.91
N LEU A 354 -30.68 29.64 -18.70
CA LEU A 354 -30.09 30.39 -17.60
C LEU A 354 -28.59 30.13 -17.68
N LEU A 355 -27.87 31.08 -18.28
CA LEU A 355 -26.45 30.94 -18.55
C LEU A 355 -25.65 31.70 -17.50
N VAL A 356 -24.69 31.02 -16.89
CA VAL A 356 -23.91 31.58 -15.81
C VAL A 356 -22.42 31.42 -16.13
N GLY A 357 -21.63 32.42 -15.75
CA GLY A 357 -20.20 32.34 -15.96
C GLY A 357 -19.78 32.63 -17.40
N CYS A 358 -18.74 31.92 -17.83
CA CYS A 358 -18.20 32.09 -19.18
C CYS A 358 -18.70 30.93 -20.02
N THR A 359 -19.48 31.25 -21.04
CA THR A 359 -20.33 30.27 -21.69
C THR A 359 -20.55 30.66 -23.14
N PRO A 360 -20.77 29.68 -24.02
CA PRO A 360 -21.24 30.00 -25.37
C PRO A 360 -22.58 30.71 -25.36
N ALA A 361 -22.96 31.22 -26.53
CA ALA A 361 -24.06 32.18 -26.63
C ALA A 361 -25.39 31.48 -26.40
N GLN A 362 -26.47 32.24 -26.39
CA GLN A 362 -27.76 31.60 -26.13
C GLN A 362 -28.16 30.69 -27.28
N ASP A 363 -28.11 31.19 -28.52
CA ASP A 363 -28.49 30.35 -29.65
C ASP A 363 -27.58 29.14 -29.76
N GLU A 364 -26.27 29.33 -29.53
CA GLU A 364 -25.33 28.21 -29.62
C GLU A 364 -25.65 27.12 -28.59
N VAL A 365 -25.97 27.52 -27.37
CA VAL A 365 -26.37 26.49 -26.41
C VAL A 365 -27.80 26.05 -26.69
N GLU A 366 -28.60 26.90 -27.34
CA GLU A 366 -29.89 26.44 -27.81
C GLU A 366 -29.76 25.50 -28.99
N ALA A 367 -28.61 25.52 -29.68
CA ALA A 367 -28.32 24.48 -30.67
C ALA A 367 -27.70 23.25 -30.02
N LEU A 368 -26.53 23.42 -29.39
CA LEU A 368 -25.82 22.36 -28.68
C LEU A 368 -26.75 21.39 -27.94
N VAL A 369 -27.80 21.92 -27.30
CA VAL A 369 -28.76 21.07 -26.59
C VAL A 369 -29.49 20.15 -27.56
N ALA A 370 -30.14 20.75 -28.57
CA ALA A 370 -30.98 19.97 -29.47
C ALA A 370 -30.27 18.72 -29.93
N TRP A 371 -28.98 18.86 -30.25
CA TRP A 371 -28.17 17.74 -30.71
C TRP A 371 -27.84 16.80 -29.56
N LEU A 372 -27.45 17.36 -28.42
CA LEU A 372 -27.28 16.55 -27.22
C LEU A 372 -28.60 15.92 -26.82
N ALA A 373 -29.72 16.53 -27.22
CA ALA A 373 -31.01 15.92 -26.99
C ALA A 373 -31.29 14.91 -28.10
N THR A 374 -30.28 14.14 -28.50
CA THR A 374 -30.46 13.12 -29.52
C THR A 374 -29.46 11.97 -29.38
N GLN A 375 -28.38 12.18 -28.65
CA GLN A 375 -27.35 11.16 -28.54
C GLN A 375 -27.73 10.22 -27.38
N PRO A 376 -27.12 9.01 -27.33
CA PRO A 376 -27.58 8.02 -26.34
C PRO A 376 -27.00 8.09 -24.93
N PHE A 377 -26.73 9.27 -24.36
CA PHE A 377 -26.21 9.25 -23.01
C PHE A 377 -27.34 9.09 -21.99
N GLN A 378 -27.03 8.39 -20.89
CA GLN A 378 -28.02 7.83 -19.98
C GLN A 378 -28.32 8.80 -18.83
N THR A 379 -27.33 9.07 -18.00
CA THR A 379 -27.42 10.09 -16.97
C THR A 379 -26.41 11.21 -17.17
N SER A 380 -25.18 10.88 -17.55
CA SER A 380 -24.09 11.83 -17.71
C SER A 380 -23.39 11.61 -19.05
N PHE A 381 -22.83 12.71 -19.60
CA PHE A 381 -22.07 12.67 -20.85
C PHE A 381 -20.98 13.73 -20.78
N HIS A 382 -19.74 13.29 -20.73
CA HIS A 382 -18.58 14.17 -20.68
C HIS A 382 -17.70 13.89 -21.90
N THR A 383 -17.12 14.95 -22.44
CA THR A 383 -16.20 14.81 -23.55
C THR A 383 -15.27 16.02 -23.53
N ASP A 384 -13.98 15.80 -23.81
CA ASP A 384 -13.00 16.86 -23.60
C ASP A 384 -12.56 17.52 -24.91
N ARG A 385 -13.15 17.09 -26.03
CA ARG A 385 -12.86 17.62 -27.35
C ARG A 385 -14.20 17.63 -28.07
N LEU A 386 -14.99 18.67 -27.79
CA LEU A 386 -16.32 18.79 -28.36
C LEU A 386 -16.26 19.09 -29.86
N GLY A 387 -15.16 19.69 -30.32
CA GLY A 387 -15.07 20.15 -31.70
C GLY A 387 -15.17 19.04 -32.73
N THR A 388 -14.87 17.80 -32.34
CA THR A 388 -14.96 16.68 -33.24
C THR A 388 -16.19 15.81 -33.02
N VAL A 389 -16.97 16.06 -31.96
CA VAL A 389 -18.25 15.39 -31.79
C VAL A 389 -19.42 16.29 -32.14
N TYR A 390 -19.15 17.56 -32.44
CA TYR A 390 -20.15 18.59 -32.67
C TYR A 390 -19.40 19.84 -33.10
N PRO A 391 -19.05 19.95 -34.39
CA PRO A 391 -18.26 21.10 -34.88
C PRO A 391 -19.00 22.44 -34.87
N PRO A 392 -20.33 22.51 -34.58
CA PRO A 392 -20.90 23.84 -34.33
C PRO A 392 -20.12 24.69 -33.34
N LEU A 393 -19.58 24.07 -32.28
CA LEU A 393 -18.74 24.74 -31.30
C LEU A 393 -17.28 24.37 -31.50
N ALA A 394 -16.90 23.98 -32.71
CA ALA A 394 -15.51 23.63 -32.97
C ALA A 394 -14.59 24.83 -32.75
N ALA A 395 -14.99 25.98 -33.30
CA ALA A 395 -14.17 27.19 -33.26
C ALA A 395 -14.13 27.83 -31.89
N ARG A 396 -15.17 27.60 -31.08
CA ARG A 396 -15.30 28.13 -29.73
C ARG A 396 -14.46 27.40 -28.69
N ALA A 397 -13.22 27.00 -29.00
CA ALA A 397 -12.39 26.37 -27.99
C ALA A 397 -12.08 27.30 -26.82
N ASP A 398 -12.47 28.57 -26.91
CA ASP A 398 -12.13 29.50 -25.83
C ASP A 398 -12.95 29.21 -24.58
N VAL A 399 -14.23 28.87 -24.74
CA VAL A 399 -15.08 28.63 -23.58
C VAL A 399 -15.71 27.25 -23.58
N ALA A 400 -15.72 26.51 -24.69
CA ALA A 400 -16.47 25.26 -24.76
C ALA A 400 -15.68 24.16 -25.48
N ALA A 401 -14.43 23.98 -25.08
CA ALA A 401 -13.63 22.83 -25.49
C ALA A 401 -14.12 21.56 -24.81
N GLY A 402 -14.41 21.63 -23.53
CA GLY A 402 -14.85 20.47 -22.77
C GLY A 402 -16.25 20.75 -22.29
N ILE A 403 -17.10 19.72 -22.32
CA ILE A 403 -18.46 19.87 -21.83
C ILE A 403 -18.78 18.69 -20.92
N LEU A 404 -19.60 18.95 -19.93
CA LEU A 404 -20.05 17.92 -19.01
C LEU A 404 -21.53 18.16 -18.82
N ALA A 405 -22.37 17.21 -19.21
CA ALA A 405 -23.82 17.40 -19.28
C ALA A 405 -24.57 16.36 -18.47
N VAL A 406 -25.52 16.81 -17.65
CA VAL A 406 -26.35 15.95 -16.83
C VAL A 406 -27.82 16.12 -17.19
N ARG A 407 -28.56 15.03 -17.12
CA ARG A 407 -29.94 14.96 -17.59
C ARG A 407 -30.86 15.06 -16.36
N LEU A 408 -31.40 16.27 -16.12
CA LEU A 408 -32.11 16.53 -14.88
C LEU A 408 -33.57 16.11 -14.91
N ALA A 409 -33.89 15.06 -15.69
CA ALA A 409 -35.25 14.58 -15.95
C ALA A 409 -35.22 13.42 -16.94
N PRO A 410 -36.33 12.64 -17.12
CA PRO A 410 -36.29 11.50 -18.05
C PRO A 410 -36.11 11.88 -19.51
N ALA A 411 -37.12 11.58 -20.33
CA ALA A 411 -37.10 11.92 -21.75
C ALA A 411 -37.31 13.41 -21.95
N ALA A 412 -36.81 14.21 -21.01
CA ALA A 412 -36.99 15.66 -21.03
C ALA A 412 -35.72 16.35 -21.48
N ALA A 413 -35.90 17.42 -22.26
CA ALA A 413 -34.81 18.21 -22.78
C ALA A 413 -34.20 19.11 -21.70
N ARG A 414 -34.26 18.69 -20.44
CA ARG A 414 -33.88 19.52 -19.31
C ARG A 414 -32.51 19.06 -18.81
N PHE A 415 -31.55 19.98 -18.78
CA PHE A 415 -30.17 19.57 -18.50
C PHE A 415 -29.47 20.63 -17.66
N ALA A 416 -28.21 20.34 -17.35
CA ALA A 416 -27.23 21.35 -17.01
C ALA A 416 -25.98 20.97 -17.78
N ILE A 417 -25.19 21.97 -18.17
CA ILE A 417 -24.02 21.73 -19.02
C ILE A 417 -22.87 22.58 -18.51
N TRP A 418 -21.78 21.94 -18.09
CA TRP A 418 -20.58 22.63 -17.63
C TRP A 418 -19.61 22.72 -18.79
N PHE A 419 -19.18 23.94 -19.11
CA PHE A 419 -18.18 24.16 -20.14
C PHE A 419 -16.83 24.38 -19.51
N ARG A 420 -15.79 24.10 -20.29
CA ARG A 420 -14.44 24.11 -19.82
C ARG A 420 -13.55 24.50 -20.99
N PRO A 421 -12.67 25.47 -20.83
CA PRO A 421 -11.81 25.89 -21.93
C PRO A 421 -10.69 24.90 -22.22
N GLU A 422 -10.07 25.08 -23.39
CA GLU A 422 -8.87 24.32 -23.69
C GLU A 422 -7.71 24.82 -22.84
N VAL A 423 -6.74 23.94 -22.62
CA VAL A 423 -5.49 24.25 -21.95
C VAL A 423 -4.37 23.73 -22.85
N ALA A 424 -3.59 24.63 -23.44
CA ALA A 424 -2.49 24.23 -24.29
C ALA A 424 -1.46 23.42 -23.50
N ARG A 425 -0.75 22.54 -24.21
CA ARG A 425 0.06 21.48 -23.62
C ARG A 425 1.17 21.12 -24.59
N THR A 426 2.40 21.02 -24.10
CA THR A 426 3.56 20.74 -24.94
C THR A 426 4.05 19.34 -24.62
N ILE A 427 3.91 18.42 -25.57
CA ILE A 427 4.42 17.07 -25.43
C ILE A 427 5.77 17.02 -26.13
N SER A 428 6.77 16.47 -25.42
CA SER A 428 8.14 16.40 -25.93
C SER A 428 8.42 14.95 -26.34
N TRP A 429 8.05 14.62 -27.58
CA TRP A 429 8.26 13.26 -28.07
C TRP A 429 9.74 12.99 -28.28
N ALA A 430 10.11 11.72 -28.15
CA ALA A 430 11.48 11.26 -28.32
C ALA A 430 11.56 10.60 -29.70
N GLY A 431 11.83 11.41 -30.71
CA GLY A 431 11.87 11.00 -32.09
C GLY A 431 10.62 11.46 -32.82
N ASN A 432 10.64 11.31 -34.16
CA ASN A 432 9.54 11.87 -34.91
C ASN A 432 8.27 11.08 -34.66
N PRO A 433 7.21 11.69 -34.11
CA PRO A 433 5.95 10.97 -33.92
C PRO A 433 5.35 10.45 -35.21
N ARG A 434 5.62 11.12 -36.35
CA ARG A 434 5.04 10.72 -37.63
C ARG A 434 5.55 9.35 -38.09
N LYS A 435 6.86 9.09 -37.98
CA LYS A 435 7.46 7.80 -38.34
C LYS A 435 8.05 7.13 -37.12
N PRO A 436 7.40 6.11 -36.56
CA PRO A 436 8.04 5.31 -35.49
C PRO A 436 9.22 4.49 -35.99
N ALA A 437 9.30 4.23 -37.29
CA ALA A 437 10.35 3.42 -37.89
C ALA A 437 10.63 3.98 -39.28
N GLU A 438 11.37 3.20 -40.09
CA GLU A 438 11.59 3.51 -41.51
C GLU A 438 11.42 2.24 -42.33
N PRO A 439 10.40 2.18 -43.21
CA PRO A 439 10.05 0.93 -43.88
C PRO A 439 10.82 0.71 -45.18
N GLU A 440 11.52 -0.41 -45.28
CA GLU A 440 12.41 -0.62 -46.42
C GLU A 440 11.65 -0.65 -47.74
N PRO A 441 12.36 -0.53 -48.90
CA PRO A 441 11.72 -0.82 -50.20
C PRO A 441 11.05 -2.18 -50.22
N GLY A 442 9.76 -2.21 -50.48
CA GLY A 442 9.03 -3.45 -50.46
C GLY A 442 8.24 -3.71 -49.21
N HIS A 443 7.99 -2.69 -48.38
CA HIS A 443 7.35 -2.83 -47.08
C HIS A 443 7.60 -4.24 -46.53
N GLN A 444 8.84 -4.48 -46.12
CA GLN A 444 9.36 -5.84 -46.05
C GLN A 444 10.15 -6.08 -44.77
N ARG A 445 11.15 -5.24 -44.53
CA ARG A 445 12.11 -5.42 -43.43
C ARG A 445 12.22 -4.07 -42.72
N LEU A 446 11.45 -3.90 -41.65
CA LEU A 446 11.48 -2.63 -40.95
C LEU A 446 12.82 -2.40 -40.25
N HIS A 447 13.00 -1.19 -39.75
CA HIS A 447 14.23 -0.74 -39.10
C HIS A 447 13.91 0.38 -38.14
N PRO A 448 14.20 0.22 -36.85
CA PRO A 448 13.80 1.23 -35.86
C PRO A 448 14.47 2.56 -36.15
N ARG A 449 13.92 3.60 -35.52
CA ARG A 449 14.41 4.96 -35.69
C ARG A 449 15.58 5.19 -34.76
N GLY A 450 16.62 5.82 -35.29
CA GLY A 450 17.84 6.06 -34.53
C GLY A 450 18.02 7.48 -34.04
N SER A 451 17.08 8.35 -34.41
CA SER A 451 17.01 9.70 -33.87
C SER A 451 16.03 9.69 -32.72
N PHE A 452 16.56 9.88 -31.50
CA PHE A 452 15.78 9.95 -30.27
C PHE A 452 15.88 11.32 -29.63
N GLN A 453 15.81 12.38 -30.45
CA GLN A 453 15.83 13.74 -29.95
C GLN A 453 14.42 14.22 -29.64
N ALA A 454 14.34 15.39 -29.02
CA ALA A 454 13.04 15.98 -28.70
C ALA A 454 12.32 16.48 -29.96
N TRP A 455 11.03 16.25 -29.99
CA TRP A 455 10.06 16.89 -30.88
C TRP A 455 9.11 17.71 -30.02
N GLU A 456 8.26 18.51 -30.65
CA GLU A 456 7.53 19.53 -29.86
C GLU A 456 6.13 19.73 -30.45
N GLU A 457 5.18 18.90 -30.02
CA GLU A 457 3.82 19.00 -30.49
C GLU A 457 2.96 19.70 -29.44
N THR A 458 2.19 20.70 -29.89
CA THR A 458 1.30 21.50 -29.05
C THR A 458 -0.11 20.94 -29.13
N VAL A 459 -0.62 20.45 -28.00
CA VAL A 459 -2.00 20.01 -27.94
C VAL A 459 -2.91 21.20 -27.71
N ARG A 460 -3.96 21.31 -28.51
CA ARG A 460 -4.88 22.43 -28.53
C ARG A 460 -6.31 21.92 -28.71
N ASP A 461 -7.27 22.83 -28.52
CA ASP A 461 -8.71 22.56 -28.69
C ASP A 461 -9.22 21.41 -27.83
N THR A 462 -8.54 21.12 -26.71
CA THR A 462 -8.95 20.07 -25.80
C THR A 462 -8.87 20.57 -24.36
N SER A 463 -9.97 20.41 -23.63
CA SER A 463 -10.01 20.85 -22.23
C SER A 463 -9.11 19.97 -21.38
N LEU A 464 -9.12 20.27 -20.08
CA LEU A 464 -8.56 19.35 -19.11
C LEU A 464 -9.48 18.13 -18.93
N PRO A 465 -8.90 16.97 -18.62
CA PRO A 465 -9.72 15.75 -18.54
C PRO A 465 -10.74 15.89 -17.42
N TRP A 466 -12.02 15.57 -17.74
CA TRP A 466 -13.08 15.54 -16.73
C TRP A 466 -12.79 14.40 -15.76
N LYS A 467 -12.56 14.75 -14.50
CA LYS A 467 -12.03 13.82 -13.51
C LYS A 467 -13.12 12.89 -12.99
N ARG A 468 -12.69 11.86 -12.26
CA ARG A 468 -13.61 10.98 -11.55
C ARG A 468 -14.55 11.78 -10.65
N ALA A 469 -13.97 12.60 -9.76
CA ALA A 469 -14.69 13.45 -8.81
C ALA A 469 -15.63 14.48 -9.47
N ASP A 470 -15.49 14.76 -10.77
CA ASP A 470 -16.48 15.63 -11.41
C ASP A 470 -17.78 14.87 -11.65
N LEU A 471 -17.70 13.74 -12.35
CA LEU A 471 -18.89 12.97 -12.71
C LEU A 471 -19.76 12.73 -11.48
N GLY A 472 -19.16 12.26 -10.40
CA GLY A 472 -19.89 12.15 -9.14
C GLY A 472 -20.56 13.44 -8.75
N ALA A 473 -19.82 14.55 -8.81
CA ALA A 473 -20.31 15.85 -8.34
C ALA A 473 -21.52 16.33 -9.13
N ALA A 474 -21.49 16.15 -10.45
CA ALA A 474 -22.63 16.55 -11.27
C ALA A 474 -23.80 15.58 -11.11
N GLU A 475 -23.53 14.26 -11.12
CA GLU A 475 -24.59 13.30 -10.77
C GLU A 475 -25.25 13.71 -9.45
N GLY A 476 -24.44 14.14 -8.49
CA GLY A 476 -24.99 14.64 -7.26
C GLY A 476 -25.84 15.87 -7.48
N PHE A 477 -25.32 16.82 -8.26
CA PHE A 477 -26.12 17.99 -8.61
C PHE A 477 -27.43 17.58 -9.26
N ARG A 478 -27.45 16.45 -9.98
CA ARG A 478 -28.67 15.95 -10.62
C ARG A 478 -29.77 15.73 -9.58
N GLY A 479 -29.53 14.84 -8.64
CA GLY A 479 -30.46 14.75 -7.53
C GLY A 479 -30.29 15.93 -6.58
N ALA A 480 -30.88 17.07 -6.92
CA ALA A 480 -30.78 18.25 -6.06
C ALA A 480 -31.80 19.30 -6.46
N LEU A 481 -32.13 19.37 -7.76
CA LEU A 481 -32.96 20.42 -8.34
C LEU A 481 -34.25 19.82 -8.89
N VAL A 482 -35.39 20.38 -8.47
CA VAL A 482 -36.76 19.90 -8.78
C VAL A 482 -36.83 18.44 -9.24
N ASP B 1 -9.70 7.44 34.25
CA ASP B 1 -8.83 7.88 35.34
C ASP B 1 -7.37 7.91 34.90
N LEU B 2 -6.48 8.07 35.88
CA LEU B 2 -5.04 7.95 35.69
C LEU B 2 -4.53 7.06 36.83
N SER B 3 -4.69 5.74 36.63
CA SER B 3 -4.12 4.78 37.57
C SER B 3 -2.61 4.93 37.63
N GLN B 4 -2.03 4.50 38.75
CA GLN B 4 -0.59 4.37 38.80
C GLN B 4 -0.06 3.52 37.66
N CYS B 5 -0.94 2.74 37.02
CA CYS B 5 -0.61 2.21 35.71
C CYS B 5 -0.95 3.25 34.64
N ASP B 6 -0.38 4.44 34.84
CA ASP B 6 -0.25 5.51 33.86
C ASP B 6 0.95 6.36 34.25
N ARG B 7 1.18 6.52 35.57
CA ARG B 7 2.19 7.44 36.10
C ARG B 7 3.59 6.86 36.09
N GLU B 8 3.74 5.53 36.14
CA GLU B 8 5.01 4.84 36.28
C GLU B 8 6.05 5.35 35.29
N PRO B 9 6.99 6.19 35.72
CA PRO B 9 8.07 6.55 34.81
C PRO B 9 8.71 5.25 34.36
N ILE B 10 8.33 4.78 33.17
CA ILE B 10 8.93 3.56 32.66
C ILE B 10 10.35 3.82 32.16
N HIS B 11 10.60 4.99 31.56
CA HIS B 11 11.92 5.30 31.00
C HIS B 11 12.93 5.75 32.04
N LEU B 12 12.62 5.58 33.33
CA LEU B 12 13.45 6.09 34.41
C LEU B 12 13.78 5.02 35.44
N LEU B 13 13.49 3.75 35.13
CA LEU B 13 13.76 2.64 36.04
C LEU B 13 15.23 2.54 36.44
N GLY B 14 16.14 2.79 35.49
CA GLY B 14 17.57 2.84 35.79
C GLY B 14 18.38 1.59 35.47
N GLY B 15 17.83 0.66 34.69
CA GLY B 15 18.53 -0.59 34.51
C GLY B 15 18.32 -1.17 33.15
N ILE B 16 19.11 -2.21 32.88
CA ILE B 16 19.20 -2.84 31.58
C ILE B 16 18.97 -4.34 31.73
N GLN B 17 18.82 -5.00 30.59
CA GLN B 17 18.76 -6.44 30.51
C GLN B 17 20.16 -7.03 30.36
N SER B 18 20.31 -8.24 30.90
CA SER B 18 21.63 -8.84 31.18
C SER B 18 22.42 -9.19 29.92
N HIS B 19 21.75 -9.41 28.80
CA HIS B 19 22.40 -9.79 27.56
C HIS B 19 23.16 -8.65 26.89
N GLY B 20 23.30 -7.47 27.51
CA GLY B 20 23.97 -6.37 26.83
C GLY B 20 24.56 -5.36 27.78
N VAL B 21 25.47 -4.55 27.24
CA VAL B 21 26.14 -3.53 28.04
C VAL B 21 25.89 -2.16 27.43
N LEU B 22 25.67 -1.18 28.31
CA LEU B 22 25.37 0.20 27.93
C LEU B 22 26.47 1.10 28.45
N LEU B 23 27.03 1.92 27.55
CA LEU B 23 28.06 2.89 27.91
C LEU B 23 27.63 4.26 27.42
N ALA B 24 27.89 5.30 28.21
CA ALA B 24 27.42 6.65 27.88
C ALA B 24 28.53 7.65 28.21
N PHE B 25 29.19 8.15 27.18
CA PHE B 25 30.26 9.14 27.31
C PHE B 25 29.72 10.57 27.14
N ARG B 26 30.60 11.57 27.29
CA ARG B 26 30.16 12.95 27.06
C ARG B 26 31.34 13.90 26.88
N GLY B 27 31.03 15.08 26.35
CA GLY B 27 32.02 16.10 26.09
C GLY B 27 32.95 15.79 24.93
N PRO B 28 34.05 16.53 24.83
CA PRO B 28 34.93 16.40 23.66
C PRO B 28 36.02 15.34 23.81
N ASP B 29 36.29 14.90 25.04
CA ASP B 29 37.13 13.74 25.34
C ASP B 29 36.32 12.47 25.59
N ARG B 30 34.99 12.56 25.54
CA ARG B 30 34.04 11.44 25.71
C ARG B 30 34.37 10.59 26.93
N LEU B 31 34.35 11.24 28.10
CA LEU B 31 34.66 10.55 29.34
C LEU B 31 33.44 9.77 29.83
N LEU B 32 33.72 8.63 30.46
CA LEU B 32 32.68 7.68 30.83
C LEU B 32 31.91 8.21 32.04
N GLU B 33 30.62 8.50 31.82
CA GLU B 33 29.73 9.16 32.76
C GLU B 33 28.78 8.21 33.47
N VAL B 34 28.28 7.22 32.71
CA VAL B 34 27.35 6.20 33.19
C VAL B 34 27.71 4.91 32.47
N VAL B 35 27.67 3.81 33.19
CA VAL B 35 28.04 2.52 32.60
C VAL B 35 27.27 1.43 33.31
N SER B 36 26.79 0.46 32.54
CA SER B 36 26.12 -0.69 33.12
C SER B 36 27.08 -1.47 34.01
N ALA B 37 26.52 -2.22 34.95
CA ALA B 37 27.32 -2.87 35.98
C ALA B 37 27.85 -4.24 35.55
N ASN B 38 27.42 -4.78 34.41
CA ASN B 38 27.95 -6.02 33.85
C ASN B 38 29.04 -5.77 32.84
N ALA B 39 29.76 -4.65 33.00
CA ALA B 39 30.67 -4.14 32.00
C ALA B 39 31.97 -4.92 31.92
N GLN B 40 32.36 -5.56 33.01
CA GLN B 40 33.62 -6.31 33.01
C GLN B 40 33.59 -7.41 31.95
N ALA B 41 32.53 -8.23 31.97
CA ALA B 41 32.18 -9.19 30.93
C ALA B 41 32.70 -8.83 29.55
N LEU B 42 32.56 -7.57 29.17
CA LEU B 42 32.91 -7.10 27.85
C LEU B 42 34.10 -6.18 27.84
N LEU B 43 34.66 -5.85 29.02
CA LEU B 43 35.73 -4.87 29.09
C LEU B 43 37.03 -5.48 29.61
N GLY B 44 37.11 -5.81 30.89
CA GLY B 44 38.33 -6.37 31.46
C GLY B 44 38.71 -5.66 32.73
N ARG B 45 37.76 -4.89 33.26
CA ARG B 45 37.98 -3.95 34.35
C ARG B 45 36.67 -3.74 35.09
N PRO B 46 36.71 -3.50 36.39
CA PRO B 46 35.49 -3.20 37.15
C PRO B 46 34.78 -1.95 36.64
N PRO B 47 33.48 -2.07 36.31
CA PRO B 47 32.66 -0.92 35.93
C PRO B 47 32.96 0.40 36.63
N GLU B 48 33.18 0.36 37.95
CA GLU B 48 33.46 1.55 38.74
C GLU B 48 34.91 2.00 38.66
N THR B 49 35.76 1.32 37.91
CA THR B 49 37.09 1.84 37.65
C THR B 49 37.18 2.54 36.31
N LEU B 50 36.10 2.51 35.51
CA LEU B 50 36.07 3.08 34.18
C LEU B 50 35.36 4.43 34.11
N LEU B 51 34.47 4.72 35.06
CA LEU B 51 33.90 6.04 35.19
C LEU B 51 34.99 7.09 35.36
N GLY B 52 34.79 8.23 34.70
CA GLY B 52 35.76 9.32 34.66
C GLY B 52 36.85 9.19 33.61
N GLN B 53 36.84 8.12 32.79
CA GLN B 53 37.95 7.90 31.87
C GLN B 53 37.55 8.20 30.43
N PRO B 54 38.51 8.61 29.61
CA PRO B 54 38.20 8.88 28.21
C PRO B 54 37.79 7.61 27.49
N VAL B 55 37.10 7.81 26.35
CA VAL B 55 36.55 6.70 25.58
C VAL B 55 37.65 5.81 25.01
N GLY B 56 38.79 6.38 24.65
CA GLY B 56 39.80 5.59 23.96
C GLY B 56 40.30 4.42 24.78
N ARG B 57 40.75 4.69 25.99
CA ARG B 57 41.27 3.63 26.85
C ARG B 57 40.24 2.54 27.10
N VAL B 58 39.06 2.94 27.59
CA VAL B 58 38.07 1.95 28.04
C VAL B 58 37.67 1.04 26.88
N LEU B 59 37.22 1.63 25.76
CA LEU B 59 36.70 0.86 24.62
C LEU B 59 37.82 0.20 23.80
N PRO B 60 37.76 -1.11 23.59
CA PRO B 60 38.86 -1.82 22.92
C PRO B 60 38.81 -1.70 21.41
N ALA B 61 39.98 -1.44 20.82
CA ALA B 61 40.17 -1.10 19.40
C ALA B 61 38.98 -1.42 18.53
N GLU B 62 38.53 -2.68 18.58
CA GLU B 62 37.46 -3.23 17.74
C GLU B 62 36.41 -2.21 17.30
N VAL B 63 35.90 -1.37 18.22
CA VAL B 63 34.74 -0.51 17.99
C VAL B 63 35.19 0.93 17.75
N LEU B 64 36.27 1.35 18.41
CA LEU B 64 36.89 2.63 18.09
C LEU B 64 37.12 2.76 16.60
N ALA B 65 37.92 1.83 16.03
CA ALA B 65 38.25 1.87 14.61
C ALA B 65 37.02 2.12 13.75
N GLN B 66 35.87 1.56 14.12
CA GLN B 66 34.63 1.76 13.39
C GLN B 66 33.76 2.84 14.00
N TRP B 67 34.32 3.95 14.47
CA TRP B 67 33.48 4.99 15.05
C TRP B 67 32.69 5.74 13.97
N GLU B 68 33.37 6.20 12.92
CA GLU B 68 32.70 7.03 11.91
C GLU B 68 31.47 6.38 11.29
N PRO B 69 31.43 5.09 10.99
CA PRO B 69 30.19 4.52 10.45
C PRO B 69 29.10 4.37 11.51
N LEU B 70 29.46 3.85 12.68
CA LEU B 70 28.49 3.74 13.76
C LEU B 70 27.79 5.07 13.99
N VAL B 71 28.54 6.17 14.01
CA VAL B 71 27.94 7.50 14.15
C VAL B 71 26.97 7.77 13.01
N ALA B 72 27.43 7.60 11.76
CA ALA B 72 26.63 8.01 10.61
C ALA B 72 25.38 7.14 10.42
N ARG B 73 25.53 5.82 10.42
CA ARG B 73 24.39 4.95 10.14
C ARG B 73 23.71 4.46 11.41
N GLY B 74 24.23 4.81 12.57
CA GLY B 74 23.61 4.46 13.83
C GLY B 74 24.06 3.16 14.43
N SER B 75 24.70 2.27 13.67
CA SER B 75 25.09 0.98 14.22
C SER B 75 26.03 0.27 13.26
N VAL B 76 26.78 -0.69 13.81
CA VAL B 76 27.81 -1.44 13.08
C VAL B 76 28.02 -2.77 13.81
N ARG B 77 28.38 -3.80 13.05
CA ARG B 77 28.82 -5.06 13.65
C ARG B 77 30.30 -4.97 13.95
N VAL B 78 30.71 -5.65 15.00
CA VAL B 78 32.05 -5.47 15.54
C VAL B 78 32.42 -6.78 16.20
N VAL B 79 33.40 -7.46 15.62
CA VAL B 79 33.83 -8.77 16.06
C VAL B 79 34.84 -8.55 17.19
N LEU B 80 34.40 -8.78 18.41
CA LEU B 80 35.25 -8.79 19.59
C LEU B 80 35.62 -10.24 19.88
N PRO B 81 36.43 -10.54 20.92
CA PRO B 81 36.60 -11.95 21.31
C PRO B 81 35.30 -12.55 21.82
N ALA B 82 34.72 -11.89 22.85
CA ALA B 82 33.44 -12.20 23.44
C ALA B 82 32.45 -12.71 22.41
N GLY B 83 32.36 -12.00 21.29
CA GLY B 83 31.62 -12.48 20.16
C GLY B 83 31.31 -11.35 19.21
N ALA B 84 30.71 -11.73 18.09
CA ALA B 84 30.17 -10.77 17.15
C ALA B 84 29.03 -10.04 17.83
N TYR B 85 29.33 -8.85 18.35
CA TYR B 85 28.33 -7.95 18.89
C TYR B 85 28.06 -6.84 17.89
N ARG B 86 26.88 -6.25 18.01
CA ARG B 86 26.37 -5.19 17.13
C ARG B 86 26.20 -3.94 17.98
N ALA B 87 27.09 -2.96 17.83
CA ALA B 87 26.96 -1.77 18.66
C ALA B 87 25.88 -0.85 18.11
N LEU B 88 25.27 -0.08 19.01
CA LEU B 88 24.13 0.78 18.70
C LEU B 88 24.37 2.12 19.36
N LEU B 89 24.24 3.23 18.60
CA LEU B 89 24.66 4.55 19.07
C LEU B 89 23.56 5.60 18.92
N HIS B 90 23.05 6.10 20.03
CA HIS B 90 22.07 7.19 20.02
C HIS B 90 22.47 8.19 21.11
N GLU B 91 21.70 9.28 21.24
CA GLU B 91 21.97 10.33 22.23
C GLU B 91 20.83 10.46 23.25
N SER B 92 21.20 10.75 24.49
CA SER B 92 20.15 10.97 25.48
C SER B 92 20.71 11.77 26.64
N ASP B 93 19.84 12.60 27.25
CA ASP B 93 20.22 13.52 28.32
C ASP B 93 21.57 14.18 28.06
N GLY B 94 21.83 14.57 26.82
CA GLY B 94 23.11 15.15 26.47
C GLY B 94 24.27 14.19 26.41
N LEU B 95 24.03 12.89 26.40
CA LEU B 95 25.12 11.92 26.41
C LEU B 95 24.95 10.93 25.27
N THR B 96 26.07 10.66 24.59
CA THR B 96 26.11 9.61 23.57
C THR B 96 25.99 8.25 24.22
N VAL B 97 25.05 7.44 23.74
CA VAL B 97 24.75 6.17 24.37
C VAL B 97 25.20 5.04 23.46
N LEU B 98 26.19 4.29 23.90
CA LEU B 98 26.68 3.12 23.18
C LEU B 98 26.15 1.87 23.86
N GLU B 99 25.37 1.10 23.11
CA GLU B 99 24.79 -0.14 23.56
C GLU B 99 25.40 -1.29 22.77
N LEU B 100 25.89 -2.29 23.48
CA LEU B 100 26.36 -3.53 22.86
C LEU B 100 25.40 -4.66 23.21
N GLU B 101 24.98 -5.41 22.19
CA GLU B 101 24.23 -6.64 22.43
C GLU B 101 24.60 -7.62 21.34
N PRO B 102 24.52 -8.94 21.59
CA PRO B 102 25.13 -9.90 20.67
C PRO B 102 24.41 -9.95 19.34
N ALA B 103 25.16 -10.23 18.27
CA ALA B 103 24.68 -9.97 16.93
C ALA B 103 24.41 -11.26 16.16
N GLU B 104 23.56 -11.13 15.13
CA GLU B 104 23.11 -12.27 14.33
C GLU B 104 24.31 -13.10 13.83
N LEU B 105 24.19 -14.42 14.03
CA LEU B 105 25.24 -15.40 13.71
C LEU B 105 24.82 -16.42 12.65
N GLN B 106 23.65 -16.27 12.01
CA GLN B 106 23.27 -17.16 10.92
C GLN B 106 23.41 -16.41 9.60
N PRO B 107 24.39 -16.79 8.73
CA PRO B 107 24.51 -16.24 7.37
C PRO B 107 23.25 -15.69 6.72
N GLY B 108 22.43 -16.54 6.12
CA GLY B 108 21.41 -16.07 5.21
C GLY B 108 20.09 -15.56 5.77
N MET B 109 20.12 -14.87 6.92
CA MET B 109 18.89 -14.27 7.46
C MET B 109 18.26 -13.31 6.46
N GLU B 110 19.07 -12.41 5.91
CA GLU B 110 18.51 -11.37 5.06
C GLU B 110 17.78 -11.95 3.86
N GLU B 111 18.40 -12.91 3.15
CA GLU B 111 17.66 -13.63 2.11
C GLU B 111 16.32 -14.13 2.63
N THR B 112 16.32 -14.58 3.88
CA THR B 112 15.13 -15.19 4.48
C THR B 112 14.04 -14.14 4.71
N ALA B 113 14.40 -13.01 5.32
CA ALA B 113 13.49 -11.87 5.43
C ALA B 113 12.99 -11.39 4.07
N LEU B 114 13.85 -11.40 3.05
CA LEU B 114 13.42 -11.02 1.72
C LEU B 114 12.28 -11.91 1.26
N GLU B 115 12.49 -13.23 1.30
CA GLU B 115 11.45 -14.17 0.89
C GLU B 115 10.18 -13.97 1.70
N VAL B 116 10.26 -13.55 2.96
CA VAL B 116 8.99 -13.39 3.65
C VAL B 116 8.32 -12.08 3.26
N VAL B 117 9.10 -11.08 2.85
CA VAL B 117 8.46 -9.90 2.25
C VAL B 117 7.56 -10.35 1.10
N ARG B 118 8.12 -11.11 0.17
CA ARG B 118 7.38 -11.59 -0.99
C ARG B 118 6.16 -12.41 -0.59
N ARG B 119 6.02 -12.72 0.70
CA ARG B 119 4.84 -13.39 1.23
C ARG B 119 3.73 -12.42 1.61
N LEU B 120 4.06 -11.17 1.92
CA LEU B 120 3.05 -10.19 2.27
C LEU B 120 2.78 -9.21 1.14
N VAL B 121 3.79 -8.90 0.32
CA VAL B 121 3.50 -8.02 -0.82
C VAL B 121 2.50 -8.70 -1.75
N SER B 122 2.90 -9.82 -2.36
CA SER B 122 2.06 -10.67 -3.19
C SER B 122 1.62 -9.96 -4.47
N PRO B 123 1.19 -10.69 -5.50
CA PRO B 123 0.40 -10.04 -6.54
C PRO B 123 -0.84 -9.39 -5.98
N LEU B 124 -1.29 -9.84 -4.81
CA LEU B 124 -2.48 -9.35 -4.13
C LEU B 124 -2.75 -10.16 -2.87
N ALA B 125 -2.40 -9.64 -1.70
CA ALA B 125 -2.71 -10.33 -0.45
C ALA B 125 -4.01 -9.81 0.16
N GLY B 126 -4.61 -10.64 1.00
CA GLY B 126 -5.96 -10.39 1.45
C GLY B 126 -7.01 -10.79 0.43
N VAL B 127 -6.62 -11.56 -0.59
CA VAL B 127 -7.58 -12.01 -1.58
C VAL B 127 -8.67 -12.84 -0.91
N LYS B 128 -8.37 -13.41 0.25
CA LYS B 128 -9.37 -14.11 1.03
C LYS B 128 -10.07 -13.18 2.02
N GLY B 129 -9.67 -11.92 2.06
CA GLY B 129 -10.20 -10.99 3.02
C GLY B 129 -9.12 -10.35 3.86
N THR B 130 -9.46 -9.23 4.51
CA THR B 130 -8.52 -8.51 5.37
C THR B 130 -7.95 -9.42 6.45
N GLN B 131 -8.58 -10.58 6.62
CA GLN B 131 -8.22 -11.61 7.57
C GLN B 131 -6.92 -12.29 7.17
N ALA B 132 -6.94 -12.96 6.02
CA ALA B 132 -5.76 -13.58 5.45
C ALA B 132 -4.58 -12.68 5.69
N LEU B 133 -4.70 -11.44 5.19
CA LEU B 133 -3.67 -10.42 5.37
C LEU B 133 -3.08 -10.48 6.77
N LEU B 134 -3.93 -10.34 7.79
CA LEU B 134 -3.43 -10.31 9.16
C LEU B 134 -2.72 -11.60 9.52
N GLN B 135 -3.44 -12.72 9.41
CA GLN B 135 -2.84 -14.02 9.73
C GLN B 135 -1.49 -14.17 9.03
N THR B 136 -1.49 -13.99 7.70
CA THR B 136 -0.26 -14.04 6.91
C THR B 136 0.85 -13.26 7.58
N ALA B 137 0.58 -12.03 7.97
CA ALA B 137 1.58 -11.28 8.73
C ALA B 137 2.04 -12.10 9.93
N ALA B 138 1.11 -12.40 10.85
CA ALA B 138 1.48 -13.17 12.04
C ALA B 138 2.22 -14.44 11.67
N ASP B 139 1.87 -15.06 10.55
CA ASP B 139 2.64 -16.20 10.04
C ASP B 139 4.06 -15.78 9.73
N THR B 140 4.21 -14.75 8.88
CA THR B 140 5.54 -14.26 8.51
C THR B 140 6.39 -13.97 9.73
N VAL B 141 5.91 -13.07 10.60
CA VAL B 141 6.72 -12.55 11.70
C VAL B 141 6.97 -13.62 12.75
N ARG B 142 6.40 -14.81 12.59
CA ARG B 142 6.77 -15.97 13.39
C ARG B 142 7.74 -16.87 12.66
N ALA B 143 7.54 -17.00 11.34
CA ALA B 143 8.43 -17.82 10.55
C ALA B 143 9.83 -17.26 10.49
N LEU B 144 10.02 -16.00 10.92
CA LEU B 144 11.32 -15.36 10.89
C LEU B 144 11.97 -15.21 12.25
N THR B 145 11.20 -14.86 13.26
CA THR B 145 11.70 -14.82 14.63
C THR B 145 11.85 -16.23 15.21
N GLY B 146 10.77 -17.01 15.17
CA GLY B 146 10.73 -18.35 15.75
C GLY B 146 9.92 -18.44 17.02
N PHE B 147 9.40 -17.30 17.51
CA PHE B 147 8.62 -17.29 18.74
C PHE B 147 7.54 -18.36 18.70
N ASP B 148 7.22 -18.88 19.89
CA ASP B 148 6.19 -19.89 19.96
C ASP B 148 4.85 -19.35 19.49
N ARG B 149 4.54 -18.10 19.83
CA ARG B 149 3.29 -17.50 19.39
C ARG B 149 3.52 -16.09 18.89
N VAL B 150 2.73 -15.69 17.90
CA VAL B 150 2.64 -14.33 17.43
C VAL B 150 1.17 -13.97 17.29
N MET B 151 0.81 -12.75 17.68
CA MET B 151 -0.56 -12.28 17.53
C MET B 151 -0.57 -10.84 17.00
N VAL B 152 -1.65 -10.51 16.30
CA VAL B 152 -1.89 -9.13 15.88
C VAL B 152 -2.99 -8.59 16.77
N TYR B 153 -2.77 -7.40 17.29
CA TYR B 153 -3.44 -6.93 18.49
C TYR B 153 -3.84 -5.48 18.20
N ARG B 154 -5.10 -5.29 17.83
CA ARG B 154 -5.61 -3.96 17.47
C ARG B 154 -6.29 -3.27 18.65
N PHE B 155 -6.07 -1.97 18.76
CA PHE B 155 -6.62 -1.16 19.84
C PHE B 155 -7.95 -0.56 19.41
N ASP B 156 -8.94 -0.67 20.26
CA ASP B 156 -10.22 -0.10 19.87
C ASP B 156 -10.26 1.39 20.21
N ALA B 157 -11.41 2.03 20.05
CA ALA B 157 -11.45 3.50 20.14
C ALA B 157 -11.19 4.01 21.54
N ASP B 158 -11.28 3.14 22.55
CA ASP B 158 -10.97 3.48 23.94
C ASP B 158 -9.63 2.90 24.37
N TRP B 159 -8.80 2.51 23.41
CA TRP B 159 -7.51 1.86 23.67
C TRP B 159 -7.66 0.51 24.40
N HIS B 160 -8.85 -0.10 24.41
CA HIS B 160 -8.86 -1.50 24.80
C HIS B 160 -8.39 -2.34 23.60
N GLY B 161 -8.07 -3.60 23.85
CA GLY B 161 -7.39 -4.42 22.86
C GLY B 161 -8.04 -5.77 22.63
N GLU B 162 -8.06 -6.19 21.37
CA GLU B 162 -8.58 -7.50 21.00
C GLU B 162 -7.64 -8.14 20.00
N VAL B 163 -7.57 -9.46 20.05
CA VAL B 163 -6.67 -10.23 19.20
C VAL B 163 -7.43 -10.72 17.99
N LEU B 164 -6.83 -10.59 16.80
CA LEU B 164 -7.55 -10.75 15.55
C LEU B 164 -6.83 -11.65 14.55
N ALA B 165 -5.73 -12.27 14.95
CA ALA B 165 -4.86 -13.04 14.07
C ALA B 165 -3.73 -13.54 14.93
N GLU B 166 -3.32 -14.78 14.74
CA GLU B 166 -2.51 -15.43 15.74
C GLU B 166 -1.85 -16.64 15.12
N SER B 167 -0.53 -16.68 15.18
CA SER B 167 0.25 -17.81 14.74
C SER B 167 0.94 -18.36 15.97
N LYS B 168 0.95 -19.68 16.11
CA LYS B 168 1.45 -20.27 17.35
C LYS B 168 1.82 -21.72 17.12
N ARG B 169 2.59 -22.29 18.05
CA ARG B 169 2.95 -23.69 18.00
C ARG B 169 1.70 -24.56 18.13
N GLY B 170 1.84 -25.83 17.76
CA GLY B 170 0.89 -26.83 18.18
C GLY B 170 0.84 -26.96 19.68
N GLY B 171 -0.27 -27.49 20.18
CA GLY B 171 -0.51 -27.50 21.61
C GLY B 171 -0.12 -26.19 22.25
N MET B 172 -0.74 -25.10 21.81
CA MET B 172 -0.38 -23.77 22.29
C MET B 172 -1.66 -23.02 22.65
N ASP B 173 -1.81 -22.73 23.95
CA ASP B 173 -2.96 -22.00 24.48
C ASP B 173 -3.05 -20.58 23.92
N GLY B 174 -3.81 -20.41 22.84
CA GLY B 174 -3.90 -19.14 22.16
C GLY B 174 -5.06 -18.25 22.63
N PHE B 175 -4.97 -16.96 22.27
CA PHE B 175 -5.85 -15.91 22.77
C PHE B 175 -6.63 -15.18 21.68
N LEU B 176 -6.88 -15.82 20.54
CA LEU B 176 -7.53 -15.11 19.45
C LEU B 176 -8.97 -14.74 19.82
N GLY B 177 -9.47 -13.66 19.20
CA GLY B 177 -10.83 -13.24 19.39
C GLY B 177 -11.09 -12.59 20.74
N MET B 178 -10.24 -12.82 21.72
CA MET B 178 -10.48 -12.31 23.07
C MET B 178 -10.05 -10.87 23.20
N HIS B 179 -10.70 -10.17 24.13
CA HIS B 179 -10.50 -8.77 24.38
C HIS B 179 -9.70 -8.60 25.66
N PHE B 180 -8.99 -7.48 25.76
CA PHE B 180 -8.02 -7.20 26.83
C PHE B 180 -8.23 -5.78 27.32
N PRO B 181 -8.47 -5.58 28.61
CA PRO B 181 -8.69 -4.22 29.13
C PRO B 181 -7.52 -3.29 28.83
N ALA B 182 -7.84 -1.99 28.77
CA ALA B 182 -6.93 -0.96 28.29
C ALA B 182 -5.83 -0.60 29.30
N THR B 183 -5.98 -0.95 30.57
CA THR B 183 -4.86 -0.70 31.47
C THR B 183 -3.76 -1.75 31.35
N ASP B 184 -3.97 -2.81 30.57
CA ASP B 184 -2.91 -3.77 30.35
C ASP B 184 -1.74 -3.15 29.62
N ILE B 185 -2.00 -2.12 28.81
CA ILE B 185 -0.98 -1.27 28.20
C ILE B 185 -1.35 0.16 28.56
N PRO B 186 -0.91 0.64 29.72
CA PRO B 186 -1.23 1.99 30.19
C PRO B 186 -0.96 3.09 29.16
N VAL B 187 -1.34 4.34 29.47
CA VAL B 187 -1.17 5.42 28.51
C VAL B 187 0.31 5.61 28.19
N GLN B 188 1.10 6.06 29.18
CA GLN B 188 2.48 6.48 29.02
C GLN B 188 3.25 5.52 28.12
N ALA B 189 2.97 4.23 28.25
CA ALA B 189 3.70 3.27 27.44
C ALA B 189 3.33 3.45 25.97
N ARG B 190 2.09 3.87 25.69
CA ARG B 190 1.64 3.99 24.31
C ARG B 190 2.22 5.23 23.64
N ALA B 191 2.27 6.36 24.35
CA ALA B 191 3.12 7.45 23.92
C ALA B 191 4.51 6.94 23.54
N LEU B 192 5.20 6.27 24.48
CA LEU B 192 6.55 5.78 24.20
C LEU B 192 6.60 4.88 22.96
N TYR B 193 5.74 3.86 22.88
CA TYR B 193 5.85 2.95 21.74
C TYR B 193 5.48 3.69 20.46
N THR B 194 4.52 4.62 20.55
CA THR B 194 4.30 5.61 19.49
C THR B 194 5.60 6.29 19.08
N ARG B 195 6.56 6.41 20.01
CA ARG B 195 7.93 6.77 19.66
C ARG B 195 8.77 5.54 19.31
N ASN B 196 8.83 4.56 20.21
CA ASN B 196 9.74 3.43 20.02
C ASN B 196 9.01 2.23 19.46
N PRO B 197 9.21 1.88 18.18
CA PRO B 197 8.33 0.91 17.51
C PRO B 197 8.61 -0.55 17.80
N LEU B 198 9.71 -0.85 18.48
CA LEU B 198 10.13 -2.24 18.72
C LEU B 198 10.68 -2.36 20.15
N ARG B 199 10.64 -3.58 20.68
CA ARG B 199 11.19 -3.80 22.02
C ARG B 199 11.29 -5.29 22.31
N LEU B 200 12.32 -5.66 23.07
CA LEU B 200 12.59 -7.04 23.41
C LEU B 200 12.65 -7.22 24.93
N ILE B 201 12.14 -8.37 25.39
CA ILE B 201 12.28 -8.85 26.77
C ILE B 201 12.81 -10.26 26.63
N ALA B 202 14.14 -10.39 26.63
CA ALA B 202 14.73 -11.66 26.23
C ALA B 202 14.51 -12.73 27.29
N ASP B 203 14.48 -12.33 28.56
CA ASP B 203 14.29 -13.26 29.67
C ASP B 203 13.34 -12.64 30.67
N ALA B 204 12.13 -13.16 30.74
CA ALA B 204 11.13 -12.57 31.62
C ALA B 204 11.43 -12.86 33.09
N ARG B 205 12.09 -13.98 33.37
CA ARG B 205 12.47 -14.29 34.75
C ARG B 205 13.71 -13.53 35.19
N ALA B 206 14.53 -13.04 34.26
CA ALA B 206 15.81 -12.42 34.61
C ALA B 206 15.57 -11.11 35.34
N ARG B 207 16.67 -10.51 35.84
CA ARG B 207 16.57 -9.34 36.70
C ARG B 207 17.46 -8.21 36.20
N PRO B 208 16.95 -6.95 36.17
CA PRO B 208 17.68 -5.82 35.59
C PRO B 208 19.13 -5.69 36.05
N VAL B 209 19.97 -5.04 35.26
CA VAL B 209 21.39 -4.86 35.59
C VAL B 209 21.59 -3.40 36.02
N PRO B 210 22.07 -3.14 37.24
CA PRO B 210 22.28 -1.75 37.67
C PRO B 210 23.05 -0.94 36.65
N LEU B 211 22.70 0.35 36.57
CA LEU B 211 23.52 1.35 35.92
C LEU B 211 24.38 2.05 36.97
N LEU B 212 25.56 2.51 36.55
CA LEU B 212 26.51 3.18 37.42
C LEU B 212 26.89 4.53 36.82
N PRO B 213 26.63 5.66 37.51
CA PRO B 213 25.96 5.86 38.82
C PRO B 213 24.45 5.65 38.68
N PRO B 214 23.65 5.86 39.74
CA PRO B 214 22.21 5.64 39.60
C PRO B 214 21.51 6.82 38.93
N VAL B 215 21.76 8.03 39.41
CA VAL B 215 21.23 9.22 38.77
C VAL B 215 22.37 9.90 38.05
N VAL B 216 22.03 10.55 36.93
CA VAL B 216 23.02 11.25 36.13
C VAL B 216 23.38 12.47 36.95
N PRO B 217 24.63 12.58 37.41
CA PRO B 217 25.05 13.65 38.33
C PRO B 217 24.36 14.99 38.13
N ALA B 218 24.35 15.49 36.90
CA ALA B 218 23.89 16.84 36.63
C ALA B 218 22.37 16.95 36.56
N LEU B 219 21.66 15.83 36.59
CA LEU B 219 20.21 15.81 36.56
C LEU B 219 19.57 15.46 37.89
N GLY B 220 20.29 14.74 38.75
CA GLY B 220 19.64 14.11 39.89
C GLY B 220 18.45 13.27 39.47
N ARG B 221 18.59 12.55 38.36
CA ARG B 221 17.61 11.58 37.90
C ARG B 221 18.32 10.61 36.98
N PRO B 222 17.73 9.46 36.71
CA PRO B 222 18.46 8.45 35.95
C PRO B 222 18.29 8.69 34.47
N LEU B 223 19.32 8.25 33.71
CA LEU B 223 19.43 8.52 32.28
C LEU B 223 18.16 8.11 31.55
N ASP B 224 17.73 8.98 30.63
CA ASP B 224 16.55 8.72 29.81
C ASP B 224 16.84 7.56 28.88
N LEU B 225 16.18 6.43 29.14
CA LEU B 225 16.26 5.21 28.33
C LEU B 225 15.10 5.09 27.36
N SER B 226 14.61 6.21 26.85
CA SER B 226 13.48 6.19 25.92
C SER B 226 13.90 5.69 24.55
N ASN B 227 15.07 6.08 24.08
CA ASN B 227 15.68 5.46 22.91
C ASN B 227 16.67 4.39 23.34
N SER B 228 16.21 3.44 24.14
CA SER B 228 17.03 2.30 24.53
C SER B 228 16.43 1.04 23.94
N ALA B 229 17.31 0.08 23.61
CA ALA B 229 16.88 -1.25 23.21
C ALA B 229 17.14 -2.31 24.26
N LEU B 230 18.04 -2.04 25.21
CA LEU B 230 18.27 -2.92 26.33
C LEU B 230 17.45 -2.51 27.53
N ARG B 231 16.64 -1.49 27.37
CA ARG B 231 15.86 -0.94 28.48
C ARG B 231 15.05 -2.05 29.14
N SER B 232 15.32 -2.25 30.44
CA SER B 232 14.47 -3.06 31.33
C SER B 232 13.11 -2.39 31.50
N VAL B 233 12.04 -3.18 31.58
CA VAL B 233 10.68 -2.64 31.62
C VAL B 233 10.17 -2.63 33.07
N SER B 234 9.03 -1.99 33.26
CA SER B 234 8.46 -1.90 34.61
C SER B 234 8.28 -3.30 35.19
N PRO B 235 8.63 -3.51 36.45
CA PRO B 235 8.50 -4.85 37.04
C PRO B 235 7.08 -5.39 37.04
N VAL B 236 6.07 -4.53 36.97
CA VAL B 236 4.71 -5.02 36.99
C VAL B 236 4.35 -5.73 35.70
N HIS B 237 4.99 -5.38 34.59
CA HIS B 237 4.76 -6.11 33.34
C HIS B 237 5.44 -7.46 33.37
N LEU B 238 6.55 -7.56 34.12
CA LEU B 238 7.30 -8.79 34.19
C LEU B 238 6.55 -9.85 34.97
N GLU B 239 6.05 -9.48 36.14
CA GLU B 239 5.06 -10.29 36.83
C GLU B 239 3.97 -10.72 35.86
N TYR B 240 3.38 -9.77 35.15
CA TYR B 240 2.32 -10.09 34.20
C TYR B 240 2.74 -11.26 33.34
N LEU B 241 3.82 -11.06 32.56
CA LEU B 241 4.55 -12.11 31.87
C LEU B 241 4.56 -13.47 32.57
N ARG B 242 5.18 -13.55 33.76
CA ARG B 242 5.33 -14.84 34.42
C ARG B 242 3.98 -15.41 34.86
N ASN B 243 3.06 -14.52 35.25
CA ASN B 243 1.64 -14.89 35.39
C ASN B 243 1.16 -15.62 34.15
N MET B 244 1.37 -15.03 32.96
CA MET B 244 1.08 -15.74 31.72
C MET B 244 2.05 -16.88 31.44
N GLY B 245 2.88 -17.28 32.40
CA GLY B 245 3.81 -18.36 32.16
C GLY B 245 4.77 -18.15 31.01
N VAL B 246 4.83 -16.94 30.42
CA VAL B 246 5.70 -16.69 29.28
C VAL B 246 7.09 -16.35 29.78
N GLY B 247 8.09 -16.61 28.92
CA GLY B 247 9.49 -16.41 29.27
C GLY B 247 10.20 -15.31 28.50
N ALA B 248 9.78 -15.07 27.25
CA ALA B 248 10.34 -13.98 26.44
C ALA B 248 9.25 -13.39 25.56
N SER B 249 9.09 -12.07 25.61
CA SER B 249 8.11 -11.40 24.78
C SER B 249 8.78 -10.36 23.89
N PHE B 250 8.10 -10.06 22.78
CA PHE B 250 8.60 -9.20 21.71
C PHE B 250 7.36 -8.62 21.04
N SER B 251 7.37 -7.33 20.81
CA SER B 251 6.20 -6.64 20.29
C SER B 251 6.65 -5.54 19.33
N LEU B 252 5.85 -5.34 18.29
CA LEU B 252 6.19 -4.42 17.21
C LEU B 252 4.99 -3.51 16.95
N SER B 253 5.18 -2.22 17.21
CA SER B 253 4.14 -1.23 17.03
C SER B 253 3.62 -1.23 15.60
N LEU B 254 2.29 -1.16 15.45
CA LEU B 254 1.62 -1.11 14.13
C LEU B 254 1.12 0.32 13.94
N LEU B 255 1.98 1.16 13.38
CA LEU B 255 1.68 2.53 13.01
C LEU B 255 1.34 2.60 11.53
N LYS B 256 0.40 3.48 11.19
CA LYS B 256 -0.07 3.60 9.82
C LYS B 256 -0.12 5.05 9.39
N GLU B 257 -1.29 5.68 9.54
CA GLU B 257 -1.50 7.08 9.21
C GLU B 257 -1.28 7.99 10.40
N GLY B 258 -0.49 7.58 11.38
CA GLY B 258 -0.29 8.39 12.57
C GLY B 258 -1.24 8.13 13.71
N VAL B 259 -1.69 6.89 13.89
CA VAL B 259 -2.60 6.49 14.97
C VAL B 259 -2.26 5.08 15.39
N LEU B 260 -1.64 4.90 16.57
CA LEU B 260 -1.19 3.57 16.95
C LEU B 260 -2.36 2.64 16.73
N TRP B 261 -2.35 1.96 15.58
CA TRP B 261 -3.43 1.07 15.21
C TRP B 261 -3.44 -0.16 16.12
N GLY B 262 -2.27 -0.63 16.52
CA GLY B 262 -2.15 -1.89 17.22
C GLY B 262 -0.70 -2.34 17.25
N LEU B 263 -0.52 -3.62 17.61
CA LEU B 263 0.78 -4.17 17.97
C LEU B 263 0.83 -5.64 17.59
N ILE B 264 1.88 -6.04 16.89
CA ILE B 264 2.11 -7.46 16.66
C ILE B 264 2.84 -8.00 17.89
N ALA B 265 2.19 -8.88 18.66
CA ALA B 265 2.89 -9.38 19.84
C ALA B 265 3.84 -10.49 19.41
N CYS B 266 4.47 -11.14 20.38
CA CYS B 266 5.24 -12.38 20.23
C CYS B 266 5.50 -12.90 21.63
N HIS B 267 5.45 -14.23 21.83
CA HIS B 267 5.70 -14.80 23.16
C HIS B 267 6.29 -16.20 23.06
N HIS B 268 7.46 -16.38 23.68
CA HIS B 268 8.16 -17.65 23.83
C HIS B 268 8.11 -18.05 25.30
N LEU B 269 7.94 -19.35 25.57
CA LEU B 269 7.89 -19.81 26.96
C LEU B 269 9.28 -20.11 27.53
N GLU B 270 10.28 -20.33 26.69
CA GLU B 270 11.63 -20.27 27.21
C GLU B 270 12.28 -18.99 26.75
N PRO B 271 13.12 -18.39 27.59
CA PRO B 271 13.69 -17.08 27.29
C PRO B 271 14.56 -17.11 26.04
N LEU B 272 14.27 -16.18 25.13
CA LEU B 272 14.90 -16.15 23.81
C LEU B 272 15.10 -14.69 23.40
N HIS B 273 16.23 -14.43 22.75
CA HIS B 273 16.61 -13.11 22.26
C HIS B 273 16.76 -13.09 20.74
N ILE B 274 16.24 -12.04 20.11
CA ILE B 274 16.35 -11.82 18.66
C ILE B 274 17.28 -10.64 18.44
N SER B 275 18.12 -10.71 17.39
CA SER B 275 19.09 -9.63 17.18
C SER B 275 18.40 -8.41 16.60
N HIS B 276 19.07 -7.26 16.70
CA HIS B 276 18.51 -6.02 16.18
C HIS B 276 18.17 -6.16 14.70
N GLU B 277 19.15 -6.62 13.92
CA GLU B 277 18.99 -6.97 12.52
C GLU B 277 17.68 -7.71 12.34
N ARG B 278 17.58 -8.91 12.92
CA ARG B 278 16.36 -9.71 12.77
C ARG B 278 15.15 -8.91 13.22
N ARG B 279 15.24 -8.25 14.37
CA ARG B 279 14.14 -7.37 14.82
C ARG B 279 13.82 -6.33 13.76
N ARG B 280 14.84 -5.58 13.34
CA ARG B 280 14.67 -4.65 12.22
C ARG B 280 13.95 -5.31 11.05
N ALA B 281 14.33 -6.55 10.70
CA ALA B 281 13.66 -7.22 9.61
C ALA B 281 12.17 -7.28 9.86
N CYS B 282 11.78 -7.50 11.12
CA CYS B 282 10.35 -7.54 11.42
C CYS B 282 9.73 -6.16 11.41
N GLU B 283 10.53 -5.09 11.41
CA GLU B 283 9.93 -3.77 11.26
C GLU B 283 9.37 -3.56 9.86
N VAL B 284 10.08 -4.03 8.83
CA VAL B 284 9.52 -3.97 7.49
C VAL B 284 8.24 -4.78 7.44
N LEU B 285 8.30 -6.01 7.95
CA LEU B 285 7.12 -6.86 8.04
C LEU B 285 5.94 -6.15 8.69
N THR B 286 6.19 -5.43 9.79
CA THR B 286 5.08 -4.68 10.36
C THR B 286 4.77 -3.42 9.56
N GLN B 287 5.79 -2.78 8.98
CA GLN B 287 5.57 -1.61 8.13
C GLN B 287 4.74 -1.94 6.90
N LEU B 288 5.09 -3.06 6.24
CA LEU B 288 4.40 -3.46 5.01
C LEU B 288 2.95 -3.83 5.29
N LEU B 289 2.69 -4.42 6.45
CA LEU B 289 1.33 -4.78 6.84
C LEU B 289 0.39 -3.59 6.75
N ALA B 290 0.68 -2.59 7.56
CA ALA B 290 -0.15 -1.38 7.63
C ALA B 290 -0.38 -0.80 6.24
N LEU B 291 0.65 -0.80 5.41
CA LEU B 291 0.48 -0.34 4.03
C LEU B 291 -0.55 -1.19 3.31
N GLN B 292 -0.38 -2.51 3.34
CA GLN B 292 -1.37 -3.39 2.72
C GLN B 292 -2.77 -3.16 3.27
N LEU B 293 -2.89 -2.78 4.54
CA LEU B 293 -4.21 -2.50 5.12
C LEU B 293 -4.78 -1.20 4.56
N SER B 294 -4.11 -0.08 4.86
CA SER B 294 -4.59 1.25 4.48
C SER B 294 -5.20 1.26 3.07
N ALA B 295 -4.50 0.63 2.13
CA ALA B 295 -4.98 0.50 0.75
C ALA B 295 -6.27 -0.31 0.66
N GLU B 296 -6.37 -1.42 1.40
CA GLU B 296 -7.63 -2.15 1.42
C GLU B 296 -8.74 -1.29 2.01
N GLU B 297 -8.43 -0.59 3.12
CA GLU B 297 -9.42 0.23 3.81
C GLU B 297 -10.00 1.29 2.88
N ARG B 298 -9.14 2.13 2.27
CA ARG B 298 -9.62 3.13 1.31
C ARG B 298 -10.42 2.46 0.20
N ALA B 299 -9.86 1.40 -0.40
CA ALA B 299 -10.55 0.65 -1.45
C ALA B 299 -12.00 0.38 -1.08
N ALA B 300 -12.22 -0.26 0.09
CA ALA B 300 -13.55 -0.75 0.45
C ALA B 300 -14.53 0.40 0.63
N GLU B 301 -14.09 1.48 1.29
CA GLU B 301 -14.94 2.64 1.46
C GLU B 301 -15.24 3.30 0.12
N ALA B 302 -14.35 3.13 -0.86
CA ALA B 302 -14.63 3.54 -2.24
C ALA B 302 -15.70 2.65 -2.86
N SER B 303 -15.43 1.35 -2.94
CA SER B 303 -16.47 0.42 -3.36
C SER B 303 -17.81 0.74 -2.72
N GLU B 304 -17.81 0.88 -1.39
CA GLU B 304 -19.02 1.19 -0.65
C GLU B 304 -19.74 2.42 -1.18
N ASP B 305 -19.13 3.61 -1.02
CA ASP B 305 -19.86 4.86 -1.26
C ASP B 305 -20.40 4.91 -2.68
N ALA B 306 -19.65 4.40 -3.66
CA ALA B 306 -20.15 4.41 -5.02
C ALA B 306 -21.48 3.70 -5.10
N HIS B 307 -21.56 2.50 -4.50
CA HIS B 307 -22.84 1.83 -4.32
C HIS B 307 -23.85 2.77 -3.68
N ARG B 308 -23.44 3.56 -2.69
CA ARG B 308 -24.38 4.43 -1.98
C ARG B 308 -25.03 5.43 -2.92
N ALA B 309 -24.22 6.17 -3.68
CA ALA B 309 -24.75 7.14 -4.64
C ALA B 309 -25.30 6.49 -5.90
N ALA B 310 -25.05 5.19 -6.10
CA ALA B 310 -25.74 4.46 -7.15
C ALA B 310 -27.24 4.47 -6.89
N LEU B 311 -27.65 4.20 -5.67
CA LEU B 311 -29.07 4.25 -5.34
C LEU B 311 -29.54 5.68 -5.20
N LEU B 312 -28.74 6.53 -4.58
CA LEU B 312 -29.04 7.96 -4.53
C LEU B 312 -29.52 8.55 -5.86
N GLY B 313 -28.85 8.19 -6.96
CA GLY B 313 -29.32 8.58 -8.28
C GLY B 313 -30.48 7.72 -8.74
N GLN B 314 -30.46 6.44 -8.37
CA GLN B 314 -31.64 5.61 -8.53
C GLN B 314 -32.79 6.16 -7.73
N LEU B 315 -32.48 6.85 -6.63
CA LEU B 315 -33.48 7.57 -5.84
C LEU B 315 -33.89 8.87 -6.51
N ALA B 316 -33.15 9.30 -7.52
CA ALA B 316 -33.45 10.57 -8.19
C ALA B 316 -34.19 10.38 -9.51
N THR B 317 -33.88 9.32 -10.27
CA THR B 317 -34.74 8.96 -11.40
C THR B 317 -36.14 8.65 -10.91
N ALA B 318 -36.24 8.07 -9.70
CA ALA B 318 -37.51 7.98 -9.02
C ALA B 318 -38.21 9.33 -9.02
N MET B 319 -37.47 10.40 -8.74
CA MET B 319 -38.07 11.73 -8.58
C MET B 319 -38.81 12.12 -9.84
N GLY B 320 -38.09 12.72 -10.78
CA GLY B 320 -38.68 13.03 -12.07
C GLY B 320 -39.13 11.80 -12.83
N GLU B 321 -40.35 11.35 -12.54
CA GLU B 321 -41.09 10.31 -13.28
C GLU B 321 -42.38 10.06 -12.52
N GLY B 322 -42.52 10.71 -11.36
CA GLY B 322 -43.70 10.59 -10.53
C GLY B 322 -43.96 11.83 -9.69
N GLY B 323 -45.08 12.50 -9.97
CA GLY B 323 -45.50 13.64 -9.16
C GLY B 323 -45.82 13.25 -7.74
N THR B 324 -45.50 12.01 -7.37
CA THR B 324 -45.63 11.49 -6.02
C THR B 324 -44.30 11.57 -5.28
N LEU B 325 -44.40 11.52 -3.95
CA LEU B 325 -43.27 11.47 -3.05
C LEU B 325 -43.58 10.52 -1.91
N GLU B 326 -44.60 10.86 -1.11
CA GLU B 326 -45.10 9.97 -0.06
C GLU B 326 -45.49 8.60 -0.63
N GLU B 327 -45.71 8.51 -1.94
CA GLU B 327 -45.82 7.22 -2.61
C GLU B 327 -44.47 6.72 -3.11
N VAL B 328 -43.78 7.53 -3.94
CA VAL B 328 -42.45 7.20 -4.44
C VAL B 328 -41.61 6.63 -3.31
N LEU B 329 -41.62 7.30 -2.15
CA LEU B 329 -40.88 6.78 -0.99
C LEU B 329 -41.43 5.46 -0.48
N GLU B 330 -42.62 5.05 -0.89
CA GLU B 330 -43.17 3.77 -0.51
C GLU B 330 -43.11 2.73 -1.62
N LYS B 331 -43.02 3.16 -2.87
CA LYS B 331 -42.78 2.20 -3.95
C LYS B 331 -41.37 1.63 -3.84
N GLU B 332 -40.37 2.51 -3.77
CA GLU B 332 -38.99 2.09 -3.55
C GLU B 332 -38.60 2.24 -2.08
N SER B 333 -39.47 1.78 -1.20
CA SER B 333 -39.34 1.96 0.24
C SER B 333 -37.93 1.68 0.77
N GLU B 334 -37.31 0.58 0.34
CA GLU B 334 -36.08 0.14 1.00
C GLU B 334 -34.80 0.70 0.40
N ARG B 335 -34.85 1.24 -0.83
CA ARG B 335 -33.69 1.92 -1.39
C ARG B 335 -33.19 3.03 -0.48
N VAL B 336 -34.10 3.67 0.26
CA VAL B 336 -33.79 4.65 1.28
C VAL B 336 -33.38 3.97 2.56
N LEU B 337 -34.04 2.84 2.89
CA LEU B 337 -33.63 2.07 4.06
C LEU B 337 -32.17 1.67 3.98
N ALA B 338 -31.66 1.44 2.78
CA ALA B 338 -30.38 0.78 2.59
C ALA B 338 -29.29 1.72 2.12
N LEU B 339 -29.58 3.03 2.06
CA LEU B 339 -28.53 4.05 2.11
C LEU B 339 -27.68 3.90 3.37
N THR B 340 -28.33 3.60 4.49
CA THR B 340 -27.73 3.67 5.82
C THR B 340 -27.58 2.29 6.44
N GLY B 341 -27.85 1.24 5.68
CA GLY B 341 -28.10 -0.08 6.24
C GLY B 341 -29.03 0.05 7.43
N ALA B 342 -30.31 0.38 7.20
CA ALA B 342 -31.23 0.67 8.29
C ALA B 342 -32.41 -0.29 8.25
N ALA B 343 -33.39 -0.01 9.11
CA ALA B 343 -34.59 -0.83 9.26
C ALA B 343 -35.88 -0.12 8.90
N GLY B 344 -35.87 1.19 8.85
CA GLY B 344 -37.10 1.94 8.82
C GLY B 344 -36.74 3.40 8.95
N VAL B 345 -37.47 4.26 8.27
CA VAL B 345 -37.04 5.64 8.15
C VAL B 345 -38.21 6.55 8.51
N ALA B 346 -37.90 7.62 9.24
CA ALA B 346 -38.90 8.54 9.75
C ALA B 346 -38.74 9.90 9.09
N LEU B 347 -39.82 10.39 8.49
CA LEU B 347 -39.81 11.72 7.86
C LEU B 347 -40.95 12.55 8.41
N LEU B 348 -40.62 13.75 8.89
CA LEU B 348 -41.64 14.71 9.28
C LEU B 348 -41.57 15.95 8.38
N LEU B 349 -41.71 15.74 7.06
CA LEU B 349 -41.52 16.81 6.08
C LEU B 349 -42.39 18.01 6.41
N GLY B 350 -43.54 17.77 7.04
CA GLY B 350 -44.45 18.83 7.47
C GLY B 350 -45.62 18.36 8.31
N GLU B 351 -46.57 17.65 7.70
CA GLU B 351 -47.86 17.36 8.33
C GLU B 351 -47.73 16.27 9.39
N GLU B 352 -47.98 15.00 9.02
CA GLU B 352 -47.84 13.83 9.88
C GLU B 352 -46.57 13.06 9.52
N PRO B 353 -45.89 12.45 10.50
CA PRO B 353 -44.66 11.70 10.19
C PRO B 353 -44.88 10.66 9.11
N LEU B 354 -43.86 10.45 8.28
CA LEU B 354 -43.99 9.41 7.26
C LEU B 354 -43.16 8.20 7.66
N LEU B 355 -43.50 7.62 8.81
CA LEU B 355 -42.90 6.36 9.21
C LEU B 355 -43.06 5.35 8.09
N VAL B 356 -41.95 4.72 7.74
CA VAL B 356 -41.94 3.73 6.67
C VAL B 356 -41.02 2.61 7.11
N GLY B 357 -41.59 1.44 7.36
CA GLY B 357 -40.82 0.25 7.65
C GLY B 357 -40.92 -0.14 9.11
N CYS B 358 -39.82 -0.71 9.61
CA CYS B 358 -39.68 -1.02 11.03
C CYS B 358 -39.21 0.23 11.75
N THR B 359 -40.04 0.75 12.63
CA THR B 359 -39.79 2.04 13.27
C THR B 359 -40.84 2.23 14.34
N PRO B 360 -40.52 2.90 15.44
CA PRO B 360 -41.54 3.13 16.46
C PRO B 360 -42.73 3.91 15.93
N ALA B 361 -43.74 4.08 16.76
CA ALA B 361 -44.98 4.71 16.38
C ALA B 361 -44.85 6.22 16.39
N GLN B 362 -45.67 6.87 15.56
CA GLN B 362 -45.72 8.33 15.49
C GLN B 362 -45.67 8.95 16.87
N ASP B 363 -46.51 8.47 17.77
CA ASP B 363 -46.60 9.01 19.10
C ASP B 363 -45.30 8.92 19.88
N GLU B 364 -44.34 8.11 19.40
CA GLU B 364 -43.03 8.02 20.00
C GLU B 364 -41.94 8.69 19.16
N VAL B 365 -41.95 8.56 17.84
CA VAL B 365 -40.96 9.28 17.05
C VAL B 365 -41.04 10.77 17.39
N GLU B 366 -42.28 11.29 17.41
CA GLU B 366 -42.53 12.67 17.82
C GLU B 366 -41.77 13.00 19.10
N ALA B 367 -41.71 12.05 20.01
CA ALA B 367 -41.08 12.30 21.31
C ALA B 367 -39.58 12.57 21.16
N LEU B 368 -38.85 11.70 20.47
CA LEU B 368 -37.43 11.96 20.23
C LEU B 368 -37.21 12.89 19.05
N VAL B 369 -38.29 13.38 18.44
CA VAL B 369 -38.18 14.34 17.35
C VAL B 369 -37.91 15.74 17.88
N ALA B 370 -38.69 16.18 18.87
CA ALA B 370 -38.61 17.57 19.31
C ALA B 370 -37.34 17.82 20.12
N TRP B 371 -37.18 17.10 21.23
CA TRP B 371 -35.96 17.13 22.03
C TRP B 371 -34.73 17.06 21.16
N LEU B 372 -34.87 16.37 20.02
CA LEU B 372 -33.77 16.24 19.07
C LEU B 372 -33.31 17.60 18.57
N ALA B 373 -34.23 18.38 17.98
CA ALA B 373 -33.88 19.69 17.44
C ALA B 373 -33.27 20.61 18.50
N THR B 374 -33.44 20.26 19.78
CA THR B 374 -32.80 20.90 20.92
C THR B 374 -31.36 20.39 21.16
N GLN B 375 -30.75 19.69 20.19
CA GLN B 375 -29.40 19.16 20.31
C GLN B 375 -28.38 20.12 19.71
N PRO B 376 -27.07 19.86 19.93
CA PRO B 376 -26.05 20.78 19.40
C PRO B 376 -25.47 20.35 18.06
N PHE B 377 -26.21 19.54 17.30
CA PHE B 377 -25.71 19.14 16.00
C PHE B 377 -26.18 20.13 14.93
N GLN B 378 -25.64 19.96 13.72
CA GLN B 378 -25.72 20.98 12.69
C GLN B 378 -26.00 20.44 11.30
N THR B 379 -25.76 19.16 11.05
CA THR B 379 -26.11 18.57 9.77
C THR B 379 -26.45 17.10 9.95
N SER B 380 -25.44 16.26 10.22
CA SER B 380 -25.66 14.87 10.60
C SER B 380 -25.61 14.75 12.10
N PHE B 381 -26.18 13.64 12.60
CA PHE B 381 -26.22 13.35 14.02
C PHE B 381 -26.62 11.88 14.21
N HIS B 382 -26.05 11.21 15.22
CA HIS B 382 -26.17 9.75 15.30
C HIS B 382 -25.53 9.10 16.51
N THR B 383 -26.21 8.08 17.04
CA THR B 383 -25.66 7.22 18.08
C THR B 383 -26.07 5.78 17.82
N ASP B 384 -25.28 4.86 18.36
CA ASP B 384 -25.70 3.46 18.41
C ASP B 384 -26.41 3.13 19.70
N ARG B 385 -26.45 4.07 20.64
CA ARG B 385 -26.96 3.86 21.99
C ARG B 385 -27.98 4.95 22.27
N LEU B 386 -29.18 4.77 21.73
CA LEU B 386 -30.19 5.82 21.84
C LEU B 386 -30.63 6.02 23.29
N GLY B 387 -30.63 4.96 24.08
CA GLY B 387 -31.01 5.02 25.47
C GLY B 387 -30.19 6.03 26.25
N THR B 388 -28.93 5.71 26.48
CA THR B 388 -27.92 6.53 27.16
C THR B 388 -28.20 8.02 27.15
N VAL B 389 -28.71 8.52 26.04
CA VAL B 389 -29.02 9.92 25.88
C VAL B 389 -30.52 10.18 25.90
N TYR B 390 -31.33 9.30 25.28
CA TYR B 390 -32.79 9.46 25.23
C TYR B 390 -33.46 8.31 25.97
N PRO B 391 -33.72 8.45 27.26
CA PRO B 391 -34.30 7.36 28.08
C PRO B 391 -35.76 7.03 27.76
N PRO B 392 -36.57 7.96 27.16
CA PRO B 392 -37.93 7.55 26.80
C PRO B 392 -38.03 6.39 25.80
N LEU B 393 -36.90 5.86 25.33
CA LEU B 393 -36.90 4.78 24.36
C LEU B 393 -35.94 3.65 24.70
N ALA B 394 -35.21 3.75 25.81
CA ALA B 394 -34.22 2.74 26.13
C ALA B 394 -34.80 1.33 26.18
N ALA B 395 -36.12 1.18 26.05
CA ALA B 395 -36.74 -0.14 26.00
C ALA B 395 -37.11 -0.59 24.59
N ARG B 396 -37.09 0.33 23.62
CA ARG B 396 -37.35 0.02 22.21
C ARG B 396 -36.06 -0.19 21.44
N ALA B 397 -35.10 -0.91 22.03
CA ALA B 397 -33.88 -1.31 21.31
C ALA B 397 -34.18 -2.30 20.18
N ASP B 398 -35.44 -2.70 20.05
CA ASP B 398 -35.90 -3.59 18.99
C ASP B 398 -36.05 -2.88 17.64
N VAL B 399 -36.32 -1.57 17.65
CA VAL B 399 -36.56 -0.84 16.41
C VAL B 399 -35.83 0.50 16.41
N ALA B 400 -35.28 0.90 17.54
CA ALA B 400 -34.64 2.20 17.61
C ALA B 400 -33.55 2.19 18.69
N ALA B 401 -32.56 1.33 18.49
CA ALA B 401 -31.42 1.25 19.39
C ALA B 401 -30.34 2.27 19.04
N GLY B 402 -30.08 2.45 17.75
CA GLY B 402 -29.27 3.55 17.29
C GLY B 402 -30.01 4.33 16.22
N ILE B 403 -29.80 5.64 16.22
CA ILE B 403 -30.45 6.50 15.23
C ILE B 403 -29.40 7.31 14.50
N LEU B 404 -29.76 7.73 13.29
CA LEU B 404 -28.95 8.69 12.54
C LEU B 404 -29.92 9.71 11.94
N ALA B 405 -29.99 10.90 12.53
CA ALA B 405 -30.85 11.92 11.95
C ALA B 405 -30.05 12.83 11.04
N VAL B 406 -30.75 13.62 10.22
CA VAL B 406 -30.11 14.64 9.38
C VAL B 406 -31.08 15.81 9.19
N ARG B 407 -30.67 17.00 9.64
CA ARG B 407 -31.43 18.21 9.35
C ARG B 407 -31.77 18.29 7.87
N LEU B 408 -32.95 18.84 7.57
CA LEU B 408 -33.38 19.06 6.19
C LEU B 408 -33.36 20.53 5.77
N ALA B 409 -33.16 21.45 6.71
CA ALA B 409 -33.06 22.88 6.47
C ALA B 409 -32.21 23.44 7.61
N PRO B 410 -31.97 24.76 7.68
CA PRO B 410 -31.39 25.29 8.92
C PRO B 410 -32.37 25.17 10.07
N ALA B 411 -32.99 26.28 10.44
CA ALA B 411 -34.05 26.25 11.44
C ALA B 411 -35.23 25.42 10.93
N ALA B 412 -36.35 25.45 11.65
CA ALA B 412 -37.50 24.56 11.40
C ALA B 412 -37.09 23.11 11.59
N ALA B 413 -38.03 22.29 12.09
CA ALA B 413 -37.66 21.01 12.69
C ALA B 413 -37.97 19.81 11.81
N ARG B 414 -37.57 19.84 10.54
CA ARG B 414 -37.80 18.75 9.61
C ARG B 414 -36.49 18.03 9.35
N PHE B 415 -36.53 16.70 9.44
CA PHE B 415 -35.35 15.90 9.22
C PHE B 415 -35.79 14.55 8.68
N ALA B 416 -34.81 13.70 8.37
CA ALA B 416 -35.02 12.27 8.22
C ALA B 416 -34.34 11.57 9.38
N ILE B 417 -35.03 10.61 9.99
CA ILE B 417 -34.43 9.76 11.01
C ILE B 417 -34.41 8.34 10.47
N TRP B 418 -33.21 7.77 10.35
CA TRP B 418 -33.05 6.35 10.09
C TRP B 418 -32.76 5.63 11.40
N PHE B 419 -33.40 4.48 11.60
CA PHE B 419 -33.31 3.70 12.82
C PHE B 419 -32.63 2.36 12.58
N ARG B 420 -32.03 1.83 13.65
CA ARG B 420 -31.52 0.46 13.70
C ARG B 420 -31.97 -0.19 15.00
N PRO B 421 -32.37 -1.48 14.96
CA PRO B 421 -32.56 -2.23 16.20
C PRO B 421 -31.23 -2.55 16.87
N GLU B 422 -31.27 -3.25 18.00
CA GLU B 422 -30.03 -3.72 18.56
C GLU B 422 -29.57 -5.01 17.86
N VAL B 423 -28.28 -5.27 17.96
CA VAL B 423 -27.68 -6.55 17.63
C VAL B 423 -26.86 -6.95 18.85
N ALA B 424 -27.05 -8.17 19.32
CA ALA B 424 -26.39 -8.66 20.52
C ALA B 424 -25.03 -9.22 20.15
N ARG B 425 -24.03 -8.95 20.96
CA ARG B 425 -22.68 -9.43 20.72
C ARG B 425 -22.12 -10.03 21.98
N THR B 426 -21.51 -11.22 21.86
CA THR B 426 -20.93 -11.93 22.98
C THR B 426 -19.42 -11.96 22.74
N ILE B 427 -18.70 -11.03 23.38
CA ILE B 427 -17.24 -11.03 23.32
C ILE B 427 -16.69 -11.57 24.64
N SER B 428 -15.68 -12.43 24.54
CA SER B 428 -15.03 -13.02 25.69
C SER B 428 -13.73 -12.26 25.94
N TRP B 429 -13.64 -11.63 27.11
CA TRP B 429 -12.37 -11.06 27.55
C TRP B 429 -11.44 -12.16 28.04
N ALA B 430 -10.23 -11.76 28.44
CA ALA B 430 -9.26 -12.66 29.06
C ALA B 430 -9.25 -12.33 30.54
N GLY B 431 -10.06 -13.07 31.28
CA GLY B 431 -10.18 -12.82 32.70
C GLY B 431 -11.24 -11.80 32.95
N ASN B 432 -11.48 -11.55 34.23
CA ASN B 432 -12.48 -10.57 34.60
C ASN B 432 -12.06 -9.21 34.07
N PRO B 433 -13.00 -8.43 33.49
CA PRO B 433 -12.70 -7.07 33.07
C PRO B 433 -12.94 -6.08 34.20
N ARG B 434 -13.86 -6.43 35.09
CA ARG B 434 -14.15 -5.60 36.26
C ARG B 434 -12.93 -5.42 37.16
N LYS B 435 -12.07 -6.43 37.26
CA LYS B 435 -10.92 -6.37 38.16
C LYS B 435 -9.63 -6.53 37.36
N PRO B 436 -9.37 -5.62 36.43
CA PRO B 436 -8.23 -5.81 35.52
C PRO B 436 -6.90 -5.97 36.23
N ALA B 437 -6.77 -5.38 37.41
CA ALA B 437 -5.56 -5.48 38.21
C ALA B 437 -5.96 -5.76 39.65
N GLU B 438 -4.95 -5.94 40.54
CA GLU B 438 -5.20 -6.31 41.93
C GLU B 438 -4.29 -5.54 42.90
N PRO B 439 -4.87 -4.78 43.85
CA PRO B 439 -4.05 -4.02 44.82
C PRO B 439 -3.90 -4.63 46.20
N GLU B 440 -2.73 -4.44 46.80
CA GLU B 440 -2.54 -4.79 48.17
C GLU B 440 -3.38 -3.84 49.03
N PRO B 441 -3.62 -4.18 50.30
CA PRO B 441 -4.38 -3.29 51.18
C PRO B 441 -3.59 -2.03 51.50
N GLY B 442 -4.22 -0.88 51.29
CA GLY B 442 -3.55 0.41 51.39
C GLY B 442 -3.45 1.10 50.06
N HIS B 443 -3.68 0.36 48.97
CA HIS B 443 -3.98 0.90 47.64
C HIS B 443 -2.81 1.68 47.06
N GLN B 444 -1.58 1.23 47.34
CA GLN B 444 -0.39 1.78 46.69
C GLN B 444 0.47 0.70 46.05
N ARG B 445 -0.06 -0.51 45.95
CA ARG B 445 0.58 -1.57 45.18
C ARG B 445 -0.48 -2.21 44.31
N LEU B 446 -0.10 -2.64 43.10
CA LEU B 446 -1.05 -3.24 42.18
C LEU B 446 -0.35 -4.31 41.36
N HIS B 447 -0.67 -5.57 41.65
CA HIS B 447 -0.19 -6.68 40.84
C HIS B 447 -1.16 -6.87 39.67
N PRO B 448 -0.79 -7.67 38.66
CA PRO B 448 -1.78 -8.00 37.64
C PRO B 448 -2.77 -9.02 38.18
N ARG B 449 -3.64 -9.60 37.35
CA ARG B 449 -4.68 -10.47 37.87
C ARG B 449 -4.26 -11.94 37.87
N GLY B 450 -4.97 -12.72 38.68
CA GLY B 450 -4.62 -14.10 38.94
C GLY B 450 -4.80 -15.02 37.76
N SER B 451 -5.47 -14.58 36.70
CA SER B 451 -5.73 -15.48 35.58
C SER B 451 -6.31 -14.73 34.40
N PHE B 452 -6.29 -15.41 33.24
CA PHE B 452 -6.82 -14.85 31.98
C PHE B 452 -7.76 -15.83 31.30
N GLN B 453 -8.55 -16.57 32.08
CA GLN B 453 -9.54 -17.47 31.50
C GLN B 453 -10.67 -16.68 30.86
N ALA B 454 -11.40 -17.33 29.94
CA ALA B 454 -12.42 -16.65 29.12
C ALA B 454 -13.56 -16.14 30.00
N TRP B 455 -13.57 -14.85 30.29
CA TRP B 455 -14.67 -14.20 31.01
C TRP B 455 -15.54 -13.50 29.98
N GLU B 456 -16.78 -13.97 29.84
CA GLU B 456 -17.56 -13.64 28.66
C GLU B 456 -18.71 -12.70 29.00
N GLU B 457 -18.84 -11.63 28.21
CA GLU B 457 -19.87 -10.62 28.37
C GLU B 457 -20.68 -10.55 27.09
N THR B 458 -21.95 -10.17 27.23
CA THR B 458 -22.88 -10.10 26.11
C THR B 458 -23.45 -8.69 26.01
N VAL B 459 -23.14 -8.00 24.90
CA VAL B 459 -23.54 -6.61 24.70
C VAL B 459 -24.95 -6.54 24.14
N ARG B 460 -25.85 -5.88 24.87
CA ARG B 460 -27.22 -5.64 24.45
C ARG B 460 -27.46 -4.14 24.25
N ASP B 461 -28.55 -3.81 23.54
CA ASP B 461 -29.06 -2.45 23.31
C ASP B 461 -28.31 -1.63 22.25
N THR B 462 -27.06 -1.99 21.98
CA THR B 462 -26.25 -1.27 21.01
C THR B 462 -26.42 -1.89 19.62
N SER B 463 -26.60 -1.04 18.62
CA SER B 463 -26.71 -1.45 17.22
C SER B 463 -25.32 -1.59 16.62
N LEU B 464 -25.26 -1.78 15.32
CA LEU B 464 -24.00 -1.58 14.63
C LEU B 464 -23.70 -0.09 14.56
N PRO B 465 -22.43 0.30 14.44
CA PRO B 465 -22.13 1.73 14.35
C PRO B 465 -22.38 2.21 12.94
N TRP B 466 -22.97 3.40 12.83
CA TRP B 466 -23.04 4.04 11.53
C TRP B 466 -21.62 4.29 11.02
N LYS B 467 -21.38 3.98 9.74
CA LYS B 467 -20.07 4.09 9.10
C LYS B 467 -20.07 5.28 8.12
N ARG B 468 -18.98 5.43 7.36
CA ARG B 468 -18.84 6.65 6.57
C ARG B 468 -19.91 6.72 5.48
N ALA B 469 -19.99 5.69 4.64
CA ALA B 469 -21.07 5.60 3.66
C ALA B 469 -22.41 5.96 4.28
N ASP B 470 -22.75 5.34 5.39
CA ASP B 470 -23.99 5.67 6.09
C ASP B 470 -24.21 7.18 6.18
N LEU B 471 -23.33 7.87 6.90
CA LEU B 471 -23.47 9.31 7.09
C LEU B 471 -23.34 10.09 5.78
N GLY B 472 -22.63 9.55 4.78
CA GLY B 472 -22.46 10.23 3.51
C GLY B 472 -23.56 9.95 2.51
N ALA B 473 -24.09 8.72 2.54
CA ALA B 473 -25.36 8.47 1.87
C ALA B 473 -26.40 9.42 2.41
N ALA B 474 -26.59 9.40 3.73
CA ALA B 474 -27.64 10.20 4.34
C ALA B 474 -27.45 11.68 4.06
N GLU B 475 -26.20 12.15 3.96
CA GLU B 475 -25.98 13.56 3.70
C GLU B 475 -26.41 13.94 2.29
N GLY B 476 -25.99 13.17 1.29
CA GLY B 476 -26.46 13.40 -0.06
C GLY B 476 -27.95 13.16 -0.26
N PHE B 477 -28.60 12.45 0.67
CA PHE B 477 -30.05 12.26 0.54
C PHE B 477 -30.80 13.48 1.04
N ARG B 478 -30.30 14.09 2.11
CA ARG B 478 -30.74 15.43 2.48
C ARG B 478 -30.72 16.36 1.27
N GLY B 479 -29.54 16.58 0.69
CA GLY B 479 -29.40 17.49 -0.44
C GLY B 479 -30.49 17.36 -1.48
N ALA B 480 -30.77 16.12 -1.91
CA ALA B 480 -31.71 15.85 -2.99
C ALA B 480 -33.13 16.30 -2.66
N LEU B 481 -33.29 17.06 -1.58
CA LEU B 481 -34.61 17.44 -1.07
C LEU B 481 -35.05 18.84 -1.51
N VAL B 482 -34.21 19.81 -1.26
CA VAL B 482 -34.66 21.07 -0.72
C VAL B 482 -35.21 22.07 -1.71
CHA BLA C . 10.14 -4.48 -26.55
CHA BLA C . 10.09 -4.44 -26.50
NA BLA C . 10.47 -2.06 -26.33
NA BLA C . 10.45 -2.02 -26.32
C1A BLA C . 10.48 -3.33 -25.82
C1A BLA C . 10.43 -3.27 -25.78
C2A BLA C . 10.91 -3.26 -24.49
C2A BLA C . 10.80 -3.17 -24.45
C3A BLA C . 11.15 -1.92 -24.21
C3A BLA C . 11.04 -1.83 -24.18
C4A BLA C . 10.88 -1.19 -25.37
C4A BLA C . 10.82 -1.11 -25.37
CMA BLA C . 11.62 -1.37 -22.90
CMA BLA C . 11.45 -1.27 -22.87
CAA BLA C . 11.09 -4.39 -23.53
CAA BLA C . 10.92 -4.27 -23.45
CBA BLA C . 12.50 -4.99 -23.46
CBA BLA C . 12.28 -4.98 -23.41
CGA BLA C . 13.28 -4.74 -22.16
CGA BLA C . 13.18 -4.67 -22.21
O1A BLA C . 13.15 -3.63 -21.60
O1A BLA C . 13.06 -3.55 -21.67
O2A BLA C . 14.02 -5.67 -21.78
O2A BLA C . 13.97 -5.56 -21.87
CHB BLA C . 11.00 0.23 -25.45
CHB BLA C . 10.96 0.32 -25.53
NB BLA C . 13.40 0.51 -24.97
NB BLA C . 11.97 2.55 -25.56
C1B BLA C . 12.12 0.96 -25.24
C1B BLA C . 12.02 1.18 -25.38
C2B BLA C . 12.19 2.41 -25.30
C2B BLA C . 13.42 0.91 -25.01
C3B BLA C . 13.47 2.77 -25.06
C3B BLA C . 14.10 2.09 -24.98
C4B BLA C . 14.27 1.56 -24.84
C4B BLA C . 13.17 3.15 -25.34
CMB BLA C . 11.00 3.24 -25.57
CMB BLA C . 14.04 -0.41 -24.70
OB BLA C . 15.47 1.50 -24.59
OB BLA C . 13.47 4.33 -25.41
CAB BLA C . 14.11 4.05 -24.98
CAB BLA C . 15.46 2.47 -24.69
CBB BLA C . 14.35 4.74 -23.86
CBB BLA C . 16.57 1.82 -25.01
NC BLA C . 9.91 -1.53 -31.42
NC BLA C . 9.84 -1.48 -31.48
C1C BLA C . 9.97 -0.54 -32.36
C1C BLA C . 9.89 -0.52 -32.45
C2C BLA C . 9.49 -1.16 -33.61
C2C BLA C . 9.43 -1.20 -33.67
C3C BLA C . 9.17 -2.43 -33.37
C3C BLA C . 9.12 -2.46 -33.40
C4C BLA C . 9.44 -2.70 -31.95
C4C BLA C . 9.39 -2.68 -31.96
CMC BLA C . 9.40 -0.37 -34.88
CMC BLA C . 9.34 -0.47 -34.97
OC BLA C . 10.35 0.61 -32.20
OC BLA C . 10.23 0.65 -32.34
CAC BLA C . 8.63 -3.39 -34.34
CAC BLA C . 8.63 -3.45 -34.35
CBC BLA C . 7.38 -3.47 -34.78
CBC BLA C . 7.38 -3.56 -34.82
CHD BLA C . 9.23 -3.88 -31.33
CHD BLA C . 9.19 -3.84 -31.31
ND BLA C . 9.77 -3.71 -28.88
ND BLA C . 9.71 -3.65 -28.82
C1D BLA C . 9.43 -4.37 -29.98
C1D BLA C . 9.38 -4.31 -29.94
C2D BLA C . 9.26 -5.79 -29.73
C2D BLA C . 9.24 -5.72 -29.70
C3D BLA C . 9.50 -5.98 -28.41
C3D BLA C . 9.50 -5.93 -28.38
C4D BLA C . 9.83 -4.67 -27.88
C4D BLA C . 9.78 -4.62 -27.83
CMD BLA C . 8.87 -6.78 -30.77
CMD BLA C . 8.88 -6.69 -30.78
CAD BLA C . 9.47 -7.24 -27.63
CAD BLA C . 9.49 -7.22 -27.62
CBD BLA C . 10.79 -8.01 -27.76
CBD BLA C . 10.83 -7.98 -27.76
CGD BLA C . 10.89 -9.36 -27.00
CGD BLA C . 10.91 -9.40 -27.13
O1D BLA C . 10.43 -9.40 -25.85
O1D BLA C . 11.46 -10.34 -27.77
O2D BLA C . 11.43 -10.30 -27.62
O2D BLA C . 10.40 -9.50 -26.00
C1 BEN D . -19.78 10.93 -2.70
C2 BEN D . -19.87 12.10 -3.45
C3 BEN D . -20.88 13.02 -3.22
C4 BEN D . -21.83 12.77 -2.23
C5 BEN D . -21.74 11.60 -1.48
C6 BEN D . -20.73 10.68 -1.71
C BEN D . -18.71 9.92 -2.95
N1 BEN D . -17.79 9.59 -2.12
N2 BEN D . -18.80 9.32 -4.17
CHA BLA E . 3.53 -3.03 29.12
NA BLA E . 2.03 -5.01 28.92
C1A BLA E . 2.96 -4.12 28.41
C2A BLA E . 3.38 -4.57 27.17
C3A BLA E . 2.65 -5.72 26.89
C4A BLA E . 1.84 -6.01 28.00
CMA BLA E . 2.81 -6.46 25.60
CAA BLA E . 4.39 -4.01 26.21
CBA BLA E . 5.86 -4.46 26.46
CGA BLA E . 6.50 -5.63 25.67
O1A BLA E . 6.88 -5.41 24.50
O2A BLA E . 6.61 -6.72 26.27
CHB BLA E . 0.95 -7.13 27.88
NB BLA E . 2.57 -8.88 27.48
C1B BLA E . 1.28 -8.40 27.57
C2B BLA E . 0.36 -9.49 27.28
C3B BLA E . 1.14 -10.60 27.05
C4B BLA E . 2.58 -10.21 27.19
CMB BLA E . -1.12 -9.30 27.29
OB BLA E . 3.59 -10.90 27.04
CAB BLA E . 0.86 -11.97 26.71
CBB BLA E . -0.09 -12.44 25.89
NC BLA E . 0.06 -3.86 32.64
C1C BLA E . -0.99 -4.63 33.03
C2C BLA E . -1.58 -3.86 34.14
C3C BLA E . -0.88 -2.74 34.35
C4C BLA E . 0.22 -2.72 33.36
CMC BLA E . -2.78 -4.32 34.87
OC BLA E . -1.33 -5.68 32.53
CAC BLA E . -1.25 -1.75 35.33
CBC BLA E . -2.24 -0.85 35.19
CHD BLA E . 1.22 -1.81 33.18
ND BLA E . 2.16 -2.67 31.10
C1D BLA E . 2.25 -1.87 32.15
C2D BLA E . 3.43 -1.01 32.04
C3D BLA E . 4.06 -1.36 30.90
C4D BLA E . 3.26 -2.41 30.30
CMD BLA E . 3.84 0.03 33.00
CAD BLA E . 5.31 -0.75 30.38
CBD BLA E . 6.40 -1.73 29.98
CGD BLA E . 7.53 -0.95 29.30
O1D BLA E . 7.63 -1.07 28.05
O2D BLA E . 8.21 -0.24 30.07
#